data_7LV5
#
_entry.id   7LV5
#
_cell.length_a   182.149
_cell.length_b   59.180
_cell.length_c   67.354
_cell.angle_alpha   90.000
_cell.angle_beta   94.810
_cell.angle_gamma   90.000
#
_symmetry.space_group_name_H-M   'C 1 2 1'
#
loop_
_entity.id
_entity.type
_entity.pdbx_description
1 polymer 'Tryptophan synthase alpha chain'
2 polymer 'Tryptophan synthase beta chain'
3 non-polymer '2-({[4-(TRIFLUOROMETHOXY)PHENYL]SULFONYL}AMINO)ETHYL DIHYDROGEN PHOSPHATE'
4 non-polymer 'DIMETHYL SULFOXIDE'
5 non-polymer DI(HYDROXYETHYL)ETHER
6 non-polymer GLYCEROL
7 non-polymer 1,2-ETHANEDIOL
8 non-polymer 'CESIUM ION'
9 non-polymer "PYRIDOXAL-5'-PHOSPHATE"
10 non-polymer BICINE
11 non-polymer HISTIDINE
12 non-polymer 'CHLORIDE ION'
13 water water
#
loop_
_entity_poly.entity_id
_entity_poly.type
_entity_poly.pdbx_seq_one_letter_code
_entity_poly.pdbx_strand_id
1 'polypeptide(L)'
;MERYENLFAQLNDRREGAFVPFVTLGDPGIEQSLKIIDTLIDAGADALELGVPFSDPLADGPTIQNANLRAFAAGVTPAQ
CFEMLALIREKHPTIPIGLLMYANLVFNNGIDAFYARCEQVGVDSVLVADVPVEESAPFRQAALRHNIAPIFICPPNADD
DLLRQVASYGRGYTYLLSRSGVTGAENRGALPLHHLIEKLKEYHAAPALQGFGISSPEQVSAAVRAGAAGAISGSAIVKI
IEKNLASPKQMLAELRSFVSAMKAASRA
;
A
2 'polypeptide(L)'
;MTTLLNPYFGEFGGMYVPQILMPALNQLEEAFVSAQKDPEFQAQFADLLKNYAGRPTALTKCQNITAGTRTTLYLKREDL
LHGGAHKTNQVLGQALLAKRMGKSEIIAETGAGQHGVASALASALLGLKCRIYMGAKDVERQSPNVFRMRLMGAEVIPVH
SGSATLKDACNEALRDWSGSYETAHYMLGTAAGPHPYPTIVREFQRMIGEETKAQILDKEGRLPDAVIACVGGGSNAIGM
FADFINDTSVGLIGVEPGGHGIETGEHGAPLKHGRVGIYFGMKAPMMQTADGQIEESYSISAGLDFPSVGPQHAYLNSIG
RADYVSITDDEALEAFKTLCRHEGIIPALESSHALAHALKMMREQPEKEQLLVVNLSGRGDKDIFTVHDILKARGEI
;
B
#
# COMPACT_ATOMS: atom_id res chain seq x y z
N MET A 1 -29.79 -14.25 9.10
CA MET A 1 -30.16 -15.61 8.60
C MET A 1 -29.09 -16.61 9.06
N GLU A 2 -29.28 -17.88 8.69
CA GLU A 2 -28.33 -18.91 9.10
C GLU A 2 -27.94 -19.77 7.90
N ARG A 3 -27.55 -19.17 6.76
CA ARG A 3 -27.39 -19.93 5.54
C ARG A 3 -26.19 -20.86 5.58
N TYR A 4 -25.06 -20.40 6.13
CA TYR A 4 -23.91 -21.29 6.23
C TYR A 4 -24.18 -22.42 7.22
N GLU A 5 -24.80 -22.09 8.36
CA GLU A 5 -25.07 -23.10 9.38
C GLU A 5 -25.95 -24.18 8.78
N ASN A 6 -26.96 -23.76 8.01
CA ASN A 6 -27.93 -24.69 7.44
C ASN A 6 -27.22 -25.55 6.40
N LEU A 7 -26.36 -24.92 5.59
CA LEU A 7 -25.64 -25.64 4.54
C LEU A 7 -24.76 -26.73 5.16
N PHE A 8 -23.94 -26.34 6.14
CA PHE A 8 -22.99 -27.29 6.73
C PHE A 8 -23.74 -28.43 7.42
N ALA A 9 -24.89 -28.11 8.01
CA ALA A 9 -25.68 -29.14 8.67
C ALA A 9 -26.18 -30.13 7.63
N GLN A 10 -26.67 -29.63 6.48
CA GLN A 10 -27.15 -30.47 5.40
C GLN A 10 -25.99 -31.30 4.81
N LEU A 11 -24.83 -30.67 4.60
CA LEU A 11 -23.70 -31.37 4.03
C LEU A 11 -23.21 -32.46 5.00
N ASN A 12 -23.17 -32.12 6.30
CA ASN A 12 -22.75 -33.07 7.31
C ASN A 12 -23.67 -34.29 7.28
N ASP A 13 -24.97 -34.05 7.12
CA ASP A 13 -25.95 -35.12 7.08
C ASP A 13 -25.65 -36.09 5.92
N ARG A 14 -24.97 -35.59 4.89
CA ARG A 14 -24.69 -36.39 3.71
C ARG A 14 -23.21 -36.81 3.64
N ARG A 15 -22.45 -36.57 4.71
CA ARG A 15 -21.03 -36.90 4.74
C ARG A 15 -20.35 -36.28 3.52
N GLU A 16 -20.62 -34.98 3.29
CA GLU A 16 -20.27 -34.31 2.06
C GLU A 16 -19.49 -33.03 2.37
N GLY A 17 -18.52 -32.70 1.51
CA GLY A 17 -17.84 -31.43 1.59
C GLY A 17 -18.51 -30.35 0.73
N ALA A 18 -18.17 -29.08 1.02
CA ALA A 18 -18.66 -27.96 0.24
C ALA A 18 -17.68 -27.67 -0.90
N PHE A 19 -18.21 -27.41 -2.10
CA PHE A 19 -17.38 -26.82 -3.14
C PHE A 19 -17.85 -25.40 -3.42
N VAL A 20 -16.91 -24.45 -3.33
CA VAL A 20 -17.28 -23.04 -3.33
C VAL A 20 -16.45 -22.31 -4.40
N PRO A 21 -17.00 -21.97 -5.58
CA PRO A 21 -16.26 -21.17 -6.56
C PRO A 21 -16.19 -19.70 -6.18
N PHE A 22 -15.09 -19.05 -6.61
CA PHE A 22 -14.96 -17.60 -6.63
C PHE A 22 -15.04 -17.09 -8.07
N VAL A 23 -15.80 -15.99 -8.27
CA VAL A 23 -15.69 -15.19 -9.48
C VAL A 23 -15.74 -13.70 -9.10
N THR A 24 -15.26 -12.86 -10.02
CA THR A 24 -15.40 -11.41 -9.92
C THR A 24 -16.78 -10.99 -10.45
N LEU A 25 -17.55 -10.24 -9.63
CA LEU A 25 -18.82 -9.72 -10.11
C LEU A 25 -18.61 -8.81 -11.31
N GLY A 26 -19.36 -9.11 -12.38
CA GLY A 26 -19.38 -8.26 -13.57
C GLY A 26 -18.24 -8.56 -14.53
N ASP A 27 -17.49 -9.65 -14.28
CA ASP A 27 -16.49 -10.13 -15.22
C ASP A 27 -17.12 -11.22 -16.10
N PRO A 28 -17.17 -11.10 -17.46
CA PRO A 28 -16.63 -9.97 -18.22
C PRO A 28 -17.60 -8.83 -18.52
N GLY A 29 -18.84 -9.01 -18.06
CA GLY A 29 -19.88 -7.99 -18.10
C GLY A 29 -21.00 -8.41 -17.17
N ILE A 30 -21.95 -7.50 -16.90
CA ILE A 30 -22.98 -7.77 -15.90
C ILE A 30 -23.82 -8.96 -16.37
N GLU A 31 -24.33 -8.91 -17.62
CA GLU A 31 -25.26 -9.93 -18.07
C GLU A 31 -24.56 -11.30 -18.09
N GLN A 32 -23.33 -11.34 -18.62
CA GLN A 32 -22.62 -12.62 -18.71
C GLN A 32 -22.24 -13.14 -17.32
N SER A 33 -21.87 -12.23 -16.41
CA SER A 33 -21.53 -12.60 -15.04
C SER A 33 -22.74 -13.25 -14.36
N LEU A 34 -23.93 -12.69 -14.58
CA LEU A 34 -25.13 -13.27 -14.00
C LEU A 34 -25.35 -14.69 -14.53
N LYS A 35 -25.07 -14.90 -15.82
CA LYS A 35 -25.23 -16.21 -16.45
C LYS A 35 -24.17 -17.17 -15.90
N ILE A 36 -22.92 -16.71 -15.79
CA ILE A 36 -21.85 -17.50 -15.20
C ILE A 36 -22.29 -18.01 -13.82
N ILE A 37 -22.75 -17.09 -12.97
CA ILE A 37 -23.10 -17.41 -11.59
C ILE A 37 -24.25 -18.43 -11.56
N ASP A 38 -25.27 -18.25 -12.41
CA ASP A 38 -26.36 -19.23 -12.49
C ASP A 38 -25.84 -20.60 -12.92
N THR A 39 -24.85 -20.61 -13.82
CA THR A 39 -24.25 -21.85 -14.27
C THR A 39 -23.49 -22.54 -13.11
N LEU A 40 -22.69 -21.75 -12.36
CA LEU A 40 -21.95 -22.33 -11.25
C LEU A 40 -22.92 -23.03 -10.31
N ILE A 41 -24.06 -22.37 -10.04
CA ILE A 41 -25.02 -22.91 -9.08
C ILE A 41 -25.64 -24.18 -9.65
N ASP A 42 -26.01 -24.14 -10.93
CA ASP A 42 -26.74 -25.27 -11.49
C ASP A 42 -25.83 -26.50 -11.56
N ALA A 43 -24.52 -26.26 -11.70
CA ALA A 43 -23.54 -27.32 -11.81
C ALA A 43 -23.15 -27.89 -10.45
N GLY A 44 -23.63 -27.29 -9.36
CA GLY A 44 -23.47 -27.90 -8.05
C GLY A 44 -22.69 -27.08 -7.03
N ALA A 45 -22.41 -25.80 -7.29
CA ALA A 45 -21.76 -24.98 -6.27
C ALA A 45 -22.59 -24.99 -4.99
N ASP A 46 -21.93 -25.14 -3.82
CA ASP A 46 -22.63 -25.15 -2.53
C ASP A 46 -22.80 -23.76 -1.96
N ALA A 47 -21.87 -22.86 -2.29
CA ALA A 47 -21.88 -21.48 -1.85
C ALA A 47 -21.04 -20.72 -2.87
N LEU A 48 -21.04 -19.40 -2.76
CA LEU A 48 -20.29 -18.58 -3.70
C LEU A 48 -19.41 -17.62 -2.92
N GLU A 49 -18.23 -17.34 -3.47
CA GLU A 49 -17.42 -16.21 -3.05
C GLU A 49 -17.37 -15.25 -4.24
N LEU A 50 -17.77 -14.00 -4.01
CA LEU A 50 -17.94 -13.05 -5.08
C LEU A 50 -17.13 -11.77 -4.82
N GLY A 51 -16.28 -11.42 -5.80
CA GLY A 51 -15.40 -10.27 -5.66
C GLY A 51 -16.04 -9.00 -6.21
N VAL A 52 -15.95 -7.91 -5.44
CA VAL A 52 -16.35 -6.61 -5.98
C VAL A 52 -15.11 -6.00 -6.64
N PRO A 53 -15.15 -5.61 -7.93
CA PRO A 53 -13.96 -5.05 -8.59
C PRO A 53 -13.36 -3.89 -7.83
N PHE A 54 -12.03 -4.01 -7.61
CA PHE A 54 -11.28 -3.01 -6.86
C PHE A 54 -10.01 -2.69 -7.62
N SER A 55 -9.59 -1.41 -7.52
CA SER A 55 -8.46 -0.92 -8.30
C SER A 55 -7.13 -1.57 -7.90
N ASP A 56 -7.00 -2.00 -6.64
CA ASP A 56 -5.72 -2.44 -6.09
C ASP A 56 -5.84 -3.74 -5.30
N PRO A 57 -6.13 -4.87 -5.98
CA PRO A 57 -6.37 -6.15 -5.28
C PRO A 57 -5.07 -6.85 -4.86
N LEU A 58 -4.54 -6.46 -3.70
CA LEU A 58 -3.16 -6.82 -3.41
C LEU A 58 -3.03 -8.22 -2.79
N ALA A 59 -4.14 -8.97 -2.68
CA ALA A 59 -4.01 -10.37 -2.26
C ALA A 59 -4.22 -11.31 -3.45
N ASP A 60 -4.33 -10.73 -4.65
CA ASP A 60 -4.67 -11.51 -5.83
C ASP A 60 -3.51 -11.59 -6.82
N GLY A 61 -3.32 -12.79 -7.36
CA GLY A 61 -2.38 -13.04 -8.45
C GLY A 61 -2.94 -12.56 -9.80
N PRO A 62 -2.17 -12.75 -10.88
CA PRO A 62 -2.52 -12.18 -12.20
C PRO A 62 -3.90 -12.60 -12.72
N THR A 63 -4.30 -13.85 -12.47
CA THR A 63 -5.56 -14.31 -13.05
C THR A 63 -6.71 -13.43 -12.56
N ILE A 64 -6.71 -13.16 -11.25
CA ILE A 64 -7.83 -12.40 -10.68
C ILE A 64 -7.59 -10.90 -10.84
N GLN A 65 -6.33 -10.45 -10.89
CA GLN A 65 -6.03 -9.08 -11.28
C GLN A 65 -6.71 -8.77 -12.61
N ASN A 66 -6.61 -9.73 -13.53
CA ASN A 66 -7.16 -9.54 -14.87
C ASN A 66 -8.69 -9.56 -14.85
N ALA A 67 -9.29 -10.36 -13.95
CA ALA A 67 -10.74 -10.34 -13.84
C ALA A 67 -11.25 -8.97 -13.39
N ASN A 68 -10.60 -8.39 -12.37
CA ASN A 68 -10.95 -7.05 -11.93
C ASN A 68 -10.88 -6.08 -13.11
N LEU A 69 -9.80 -6.17 -13.89
CA LEU A 69 -9.58 -5.28 -15.01
C LEU A 69 -10.67 -5.43 -16.07
N ARG A 70 -11.08 -6.68 -16.33
CA ARG A 70 -12.17 -6.90 -17.28
C ARG A 70 -13.48 -6.27 -16.80
N ALA A 71 -13.78 -6.41 -15.50
CA ALA A 71 -15.00 -5.86 -14.95
C ALA A 71 -14.96 -4.33 -15.06
N PHE A 72 -13.80 -3.73 -14.76
CA PHE A 72 -13.68 -2.29 -14.93
C PHE A 72 -13.83 -1.86 -16.39
N ALA A 73 -13.31 -2.65 -17.35
CA ALA A 73 -13.50 -2.35 -18.76
C ALA A 73 -14.98 -2.33 -19.15
N ALA A 74 -15.81 -3.06 -18.38
CA ALA A 74 -17.24 -3.12 -18.63
C ALA A 74 -17.99 -2.06 -17.83
N GLY A 75 -17.24 -1.26 -17.05
CA GLY A 75 -17.79 -0.14 -16.30
C GLY A 75 -18.43 -0.54 -14.97
N VAL A 76 -18.06 -1.70 -14.43
CA VAL A 76 -18.72 -2.25 -13.25
C VAL A 76 -18.35 -1.45 -12.00
N THR A 77 -19.37 -1.03 -11.24
CA THR A 77 -19.19 -0.26 -10.02
C THR A 77 -19.71 -1.08 -8.83
N PRO A 78 -19.34 -0.73 -7.58
CA PRO A 78 -19.93 -1.39 -6.41
C PRO A 78 -21.45 -1.32 -6.35
N ALA A 79 -22.03 -0.17 -6.75
CA ALA A 79 -23.48 -0.06 -6.79
C ALA A 79 -24.07 -1.13 -7.72
N GLN A 80 -23.44 -1.31 -8.89
CA GLN A 80 -23.98 -2.29 -9.82
C GLN A 80 -23.83 -3.70 -9.23
N CYS A 81 -22.75 -3.91 -8.48
CA CYS A 81 -22.53 -5.20 -7.84
C CYS A 81 -23.64 -5.49 -6.83
N PHE A 82 -24.06 -4.46 -6.05
CA PHE A 82 -25.13 -4.67 -5.09
C PHE A 82 -26.44 -4.99 -5.80
N GLU A 83 -26.67 -4.37 -6.95
CA GLU A 83 -27.84 -4.70 -7.76
C GLU A 83 -27.78 -6.16 -8.18
N MET A 84 -26.60 -6.61 -8.63
CA MET A 84 -26.44 -8.00 -9.06
C MET A 84 -26.73 -8.92 -7.88
N LEU A 85 -26.16 -8.59 -6.73
CA LEU A 85 -26.31 -9.44 -5.56
C LEU A 85 -27.78 -9.61 -5.17
N ALA A 86 -28.56 -8.53 -5.25
CA ALA A 86 -29.96 -8.61 -4.87
C ALA A 86 -30.69 -9.58 -5.78
N LEU A 87 -30.39 -9.51 -7.08
CA LEU A 87 -31.03 -10.38 -8.07
C LEU A 87 -30.62 -11.84 -7.88
N ILE A 88 -29.33 -12.07 -7.60
CA ILE A 88 -28.84 -13.41 -7.34
C ILE A 88 -29.60 -14.02 -6.17
N ARG A 89 -29.75 -13.25 -5.09
CA ARG A 89 -30.47 -13.73 -3.91
C ARG A 89 -31.94 -13.99 -4.24
N GLU A 90 -32.55 -13.13 -5.06
CA GLU A 90 -33.96 -13.31 -5.40
C GLU A 90 -34.19 -14.61 -6.17
N LYS A 91 -33.17 -15.10 -6.88
CA LYS A 91 -33.29 -16.30 -7.69
C LYS A 91 -32.99 -17.54 -6.84
N HIS A 92 -32.09 -17.38 -5.85
CA HIS A 92 -31.51 -18.51 -5.13
C HIS A 92 -31.56 -18.23 -3.63
N PRO A 93 -32.61 -18.71 -2.92
CA PRO A 93 -32.85 -18.28 -1.55
C PRO A 93 -31.92 -18.85 -0.48
N THR A 94 -31.27 -19.98 -0.76
CA THR A 94 -30.60 -20.67 0.34
C THR A 94 -29.08 -20.69 0.17
N ILE A 95 -28.59 -20.49 -1.05
CA ILE A 95 -27.15 -20.61 -1.27
C ILE A 95 -26.41 -19.53 -0.47
N PRO A 96 -25.40 -19.89 0.35
CA PRO A 96 -24.63 -18.85 1.04
C PRO A 96 -23.81 -18.02 0.05
N ILE A 97 -23.85 -16.71 0.26
CA ILE A 97 -23.14 -15.77 -0.62
C ILE A 97 -22.15 -14.99 0.24
N GLY A 98 -20.86 -15.14 -0.09
CA GLY A 98 -19.82 -14.37 0.59
C GLY A 98 -19.20 -13.37 -0.38
N LEU A 99 -18.85 -12.19 0.13
CA LEU A 99 -18.14 -11.20 -0.67
C LEU A 99 -16.66 -11.23 -0.30
N LEU A 100 -15.83 -11.03 -1.34
CA LEU A 100 -14.40 -10.77 -1.16
C LEU A 100 -14.21 -9.28 -1.41
N MET A 101 -13.90 -8.54 -0.32
CA MET A 101 -13.76 -7.10 -0.34
C MET A 101 -12.32 -6.70 -0.02
N TYR A 102 -11.96 -5.50 -0.49
CA TYR A 102 -10.84 -4.78 0.07
C TYR A 102 -11.35 -3.66 0.98
N ALA A 103 -10.56 -3.34 1.99
CA ALA A 103 -10.96 -2.46 3.07
C ALA A 103 -11.52 -1.14 2.57
N ASN A 104 -10.90 -0.53 1.56
CA ASN A 104 -11.32 0.81 1.24
C ASN A 104 -12.79 0.83 0.76
N LEU A 105 -13.23 -0.23 0.06
CA LEU A 105 -14.60 -0.26 -0.46
C LEU A 105 -15.61 -0.42 0.68
N VAL A 106 -15.18 -1.00 1.81
CA VAL A 106 -16.05 -1.17 2.96
C VAL A 106 -16.08 0.11 3.79
N PHE A 107 -14.91 0.76 3.88
CA PHE A 107 -14.74 1.88 4.80
C PHE A 107 -15.21 3.16 4.12
N ASN A 108 -15.15 3.15 2.77
CA ASN A 108 -15.31 4.30 1.88
C ASN A 108 -16.35 5.27 2.44
N ASN A 109 -17.60 4.85 2.37
CA ASN A 109 -18.68 5.74 2.78
C ASN A 109 -19.35 5.16 4.02
N GLY A 110 -18.55 4.54 4.91
CA GLY A 110 -19.02 4.13 6.23
C GLY A 110 -19.15 2.62 6.35
N ILE A 111 -18.44 2.07 7.35
CA ILE A 111 -18.40 0.64 7.60
C ILE A 111 -19.81 0.14 7.92
N ASP A 112 -20.52 0.84 8.83
CA ASP A 112 -21.84 0.34 9.20
C ASP A 112 -22.75 0.28 7.97
N ALA A 113 -22.73 1.35 7.16
CA ALA A 113 -23.59 1.42 5.98
C ALA A 113 -23.29 0.28 5.02
N PHE A 114 -22.01 -0.08 4.90
CA PHE A 114 -21.64 -1.15 4.00
C PHE A 114 -22.30 -2.47 4.43
N TYR A 115 -22.15 -2.81 5.72
CA TYR A 115 -22.73 -4.05 6.20
C TYR A 115 -24.26 -4.01 6.14
N ALA A 116 -24.86 -2.84 6.36
CA ALA A 116 -26.31 -2.70 6.22
C ALA A 116 -26.77 -3.02 4.80
N ARG A 117 -26.01 -2.56 3.79
CA ARG A 117 -26.36 -2.82 2.41
C ARG A 117 -26.24 -4.33 2.13
N CYS A 118 -25.21 -4.96 2.68
CA CYS A 118 -25.03 -6.40 2.54
C CYS A 118 -26.27 -7.14 3.09
N GLU A 119 -26.76 -6.67 4.24
CA GLU A 119 -27.89 -7.35 4.86
C GLU A 119 -29.13 -7.15 3.98
N GLN A 120 -29.26 -5.95 3.41
CA GLN A 120 -30.43 -5.58 2.61
C GLN A 120 -30.53 -6.46 1.35
N VAL A 121 -29.38 -6.84 0.76
CA VAL A 121 -29.39 -7.59 -0.50
C VAL A 121 -29.32 -9.09 -0.23
N GLY A 122 -29.06 -9.47 1.03
CA GLY A 122 -29.11 -10.87 1.41
C GLY A 122 -27.75 -11.59 1.32
N VAL A 123 -26.64 -10.84 1.39
CA VAL A 123 -25.29 -11.42 1.54
C VAL A 123 -25.19 -12.11 2.90
N ASP A 124 -24.35 -13.16 2.98
CA ASP A 124 -24.19 -13.93 4.21
C ASP A 124 -22.87 -13.66 4.94
N SER A 125 -21.79 -13.43 4.18
CA SER A 125 -20.49 -13.19 4.79
C SER A 125 -19.73 -12.13 3.99
N VAL A 126 -18.75 -11.53 4.66
CA VAL A 126 -17.80 -10.59 4.06
C VAL A 126 -16.41 -10.95 4.57
N LEU A 127 -15.47 -11.15 3.61
CA LEU A 127 -14.06 -11.36 3.89
C LEU A 127 -13.35 -10.09 3.40
N VAL A 128 -12.76 -9.35 4.33
CA VAL A 128 -12.02 -8.17 3.94
C VAL A 128 -10.54 -8.54 3.91
N ALA A 129 -9.98 -8.62 2.71
CA ALA A 129 -8.71 -9.32 2.50
C ALA A 129 -7.52 -8.63 3.18
N ASP A 130 -7.58 -7.29 3.28
CA ASP A 130 -6.46 -6.53 3.82
C ASP A 130 -6.76 -6.02 5.24
N VAL A 131 -7.63 -6.70 5.97
CA VAL A 131 -7.88 -6.37 7.37
C VAL A 131 -7.55 -7.61 8.20
N PRO A 132 -6.38 -7.61 8.89
CA PRO A 132 -6.00 -8.76 9.72
C PRO A 132 -6.82 -8.75 11.00
N VAL A 133 -6.80 -9.86 11.75
CA VAL A 133 -7.59 -9.90 12.98
C VAL A 133 -7.27 -8.69 13.87
N GLU A 134 -6.01 -8.24 13.82
CA GLU A 134 -5.53 -7.17 14.69
C GLU A 134 -6.27 -5.86 14.44
N GLU A 135 -6.79 -5.66 13.23
CA GLU A 135 -7.46 -4.42 12.86
C GLU A 135 -8.96 -4.62 12.67
N SER A 136 -9.47 -5.80 13.07
CA SER A 136 -10.77 -6.22 12.57
C SER A 136 -11.95 -5.65 13.37
N ALA A 137 -11.71 -5.12 14.57
CA ALA A 137 -12.80 -4.83 15.50
C ALA A 137 -13.99 -4.11 14.86
N PRO A 138 -13.84 -2.92 14.22
CA PRO A 138 -15.02 -2.23 13.70
C PRO A 138 -15.71 -2.98 12.56
N PHE A 139 -14.94 -3.81 11.83
CA PHE A 139 -15.52 -4.56 10.73
C PHE A 139 -16.35 -5.73 11.27
N ARG A 140 -15.79 -6.49 12.22
CA ARG A 140 -16.54 -7.63 12.74
C ARG A 140 -17.76 -7.19 13.55
N GLN A 141 -17.65 -6.07 14.27
CA GLN A 141 -18.79 -5.55 15.04
C GLN A 141 -19.92 -5.12 14.12
N ALA A 142 -19.59 -4.33 13.08
CA ALA A 142 -20.60 -3.94 12.10
C ALA A 142 -21.24 -5.14 11.41
N ALA A 143 -20.40 -6.12 10.99
CA ALA A 143 -20.90 -7.34 10.37
C ALA A 143 -21.97 -7.95 11.26
N LEU A 144 -21.62 -8.16 12.54
CA LEU A 144 -22.52 -8.91 13.40
C LEU A 144 -23.79 -8.12 13.69
N ARG A 145 -23.69 -6.79 13.77
CA ARG A 145 -24.90 -5.98 13.95
C ARG A 145 -25.87 -6.11 12.78
N HIS A 146 -25.35 -6.52 11.61
CA HIS A 146 -26.21 -6.62 10.43
C HIS A 146 -26.38 -8.08 9.99
N ASN A 147 -26.15 -9.03 10.90
CA ASN A 147 -26.39 -10.45 10.64
C ASN A 147 -25.52 -10.97 9.49
N ILE A 148 -24.31 -10.40 9.35
CA ILE A 148 -23.32 -10.81 8.36
C ILE A 148 -22.19 -11.52 9.09
N ALA A 149 -21.72 -12.63 8.53
CA ALA A 149 -20.60 -13.33 9.13
C ALA A 149 -19.31 -12.65 8.68
N PRO A 150 -18.42 -12.23 9.61
CA PRO A 150 -17.10 -11.76 9.21
C PRO A 150 -16.17 -12.97 9.10
N ILE A 151 -15.52 -13.10 7.93
CA ILE A 151 -14.61 -14.22 7.70
C ILE A 151 -13.18 -13.82 8.03
N PHE A 152 -12.50 -14.70 8.78
CA PHE A 152 -11.09 -14.50 9.09
C PHE A 152 -10.25 -15.62 8.53
N ILE A 153 -8.96 -15.32 8.39
CA ILE A 153 -8.00 -16.13 7.66
C ILE A 153 -7.08 -16.79 8.68
N CYS A 154 -6.93 -18.10 8.52
N CYS A 154 -6.98 -18.12 8.57
CA CYS A 154 -5.98 -18.86 9.31
CA CYS A 154 -5.94 -18.87 9.26
C CYS A 154 -4.81 -19.24 8.40
C CYS A 154 -4.82 -19.15 8.28
N PRO A 155 -3.62 -18.58 8.50
CA PRO A 155 -2.44 -18.95 7.73
C PRO A 155 -1.99 -20.35 8.15
N PRO A 156 -1.26 -21.07 7.29
CA PRO A 156 -0.85 -22.44 7.61
C PRO A 156 0.06 -22.61 8.84
N ASN A 157 0.79 -21.55 9.23
CA ASN A 157 1.67 -21.59 10.40
C ASN A 157 1.05 -20.85 11.59
N ALA A 158 -0.27 -20.65 11.61
CA ALA A 158 -0.88 -19.86 12.68
C ALA A 158 -0.52 -20.44 14.04
N ASP A 159 -0.19 -19.56 14.98
CA ASP A 159 0.11 -20.01 16.33
C ASP A 159 -1.20 -20.11 17.11
N ASP A 160 -1.10 -20.52 18.38
CA ASP A 160 -2.28 -20.83 19.18
C ASP A 160 -3.12 -19.58 19.42
N ASP A 161 -2.47 -18.47 19.74
CA ASP A 161 -3.14 -17.20 20.00
C ASP A 161 -3.97 -16.80 18.78
N LEU A 162 -3.41 -16.99 17.59
CA LEU A 162 -4.13 -16.57 16.40
C LEU A 162 -5.31 -17.51 16.13
N LEU A 163 -5.09 -18.81 16.32
CA LEU A 163 -6.17 -19.78 16.14
C LEU A 163 -7.35 -19.44 17.06
N ARG A 164 -7.03 -19.08 18.31
CA ARG A 164 -8.07 -18.76 19.28
C ARG A 164 -8.85 -17.53 18.85
N GLN A 165 -8.15 -16.55 18.27
CA GLN A 165 -8.76 -15.30 17.83
C GLN A 165 -9.66 -15.56 16.63
N VAL A 166 -9.13 -16.31 15.65
CA VAL A 166 -9.91 -16.61 14.47
C VAL A 166 -11.16 -17.42 14.85
N ALA A 167 -11.01 -18.36 15.81
CA ALA A 167 -12.13 -19.17 16.25
C ALA A 167 -13.21 -18.31 16.92
N SER A 168 -12.77 -17.35 17.74
CA SER A 168 -13.67 -16.51 18.53
C SER A 168 -14.35 -15.45 17.66
N TYR A 169 -13.60 -14.84 16.74
CA TYR A 169 -14.07 -13.64 16.06
C TYR A 169 -14.85 -13.95 14.79
N GLY A 170 -14.51 -15.06 14.12
CA GLY A 170 -15.15 -15.38 12.85
C GLY A 170 -16.52 -16.03 13.02
N ARG A 171 -17.24 -16.13 11.91
CA ARG A 171 -18.50 -16.84 11.87
C ARG A 171 -18.70 -17.32 10.44
N GLY A 172 -19.64 -18.25 10.29
CA GLY A 172 -20.02 -18.73 8.96
C GLY A 172 -19.07 -19.84 8.51
N TYR A 173 -17.85 -19.47 8.12
CA TYR A 173 -16.77 -20.45 7.92
C TYR A 173 -15.44 -19.82 8.29
N THR A 174 -14.43 -20.66 8.58
CA THR A 174 -13.07 -20.19 8.81
C THR A 174 -12.28 -20.39 7.53
N TYR A 175 -11.60 -19.33 7.04
CA TYR A 175 -10.82 -19.51 5.83
C TYR A 175 -9.48 -20.13 6.18
N LEU A 176 -9.21 -21.31 5.63
CA LEU A 176 -7.92 -21.96 5.86
C LEU A 176 -7.04 -21.75 4.64
N LEU A 177 -6.01 -20.88 4.75
CA LEU A 177 -5.09 -20.64 3.65
C LEU A 177 -4.24 -21.89 3.43
N SER A 178 -4.07 -22.28 2.16
N SER A 178 -4.13 -22.33 2.17
CA SER A 178 -3.27 -23.44 1.81
CA SER A 178 -3.24 -23.42 1.80
C SER A 178 -1.77 -23.12 1.82
C SER A 178 -1.80 -23.05 2.12
N ARG A 179 -1.42 -21.83 1.70
CA ARG A 179 -0.02 -21.39 1.57
C ARG A 179 0.04 -19.87 1.71
N SER A 180 1.28 -19.37 1.87
CA SER A 180 1.58 -17.95 1.75
C SER A 180 1.48 -17.53 0.28
N GLY A 181 1.72 -16.25 -0.01
CA GLY A 181 1.56 -15.75 -1.35
C GLY A 181 0.15 -15.21 -1.63
N VAL A 182 -0.20 -15.12 -2.92
CA VAL A 182 -1.45 -14.53 -3.37
C VAL A 182 -2.25 -15.58 -4.16
N THR A 183 -3.51 -15.26 -4.53
CA THR A 183 -4.35 -16.19 -5.25
C THR A 183 -3.65 -16.65 -6.52
N GLY A 184 -3.88 -17.90 -6.93
CA GLY A 184 -3.42 -18.38 -8.23
C GLY A 184 -3.41 -19.90 -8.32
N ALA A 185 -3.87 -20.42 -9.47
CA ALA A 185 -3.96 -21.85 -9.69
C ALA A 185 -2.57 -22.42 -10.00
N GLU A 186 -1.63 -21.54 -10.37
CA GLU A 186 -0.29 -21.95 -10.81
C GLU A 186 0.57 -22.36 -9.62
N ASN A 187 0.11 -22.04 -8.41
CA ASN A 187 0.87 -22.32 -7.20
C ASN A 187 -0.01 -23.15 -6.26
N ARG A 188 0.35 -24.43 -6.13
CA ARG A 188 -0.42 -25.36 -5.32
C ARG A 188 0.06 -25.29 -3.87
N GLY A 189 -0.89 -25.22 -2.95
CA GLY A 189 -0.55 -25.19 -1.54
C GLY A 189 -0.45 -26.60 -0.97
N ALA A 190 -0.65 -26.70 0.35
CA ALA A 190 -0.39 -27.91 1.09
C ALA A 190 -1.73 -28.57 1.46
N LEU A 191 -1.68 -29.88 1.78
CA LEU A 191 -2.64 -30.44 2.70
C LEU A 191 -2.34 -29.79 4.04
N PRO A 192 -3.34 -29.17 4.72
CA PRO A 192 -3.06 -28.21 5.79
C PRO A 192 -2.25 -28.78 6.95
N LEU A 193 -2.92 -29.03 8.07
CA LEU A 193 -2.33 -29.74 9.17
C LEU A 193 -3.49 -30.30 9.99
N HIS A 194 -3.34 -31.56 10.41
CA HIS A 194 -4.24 -32.12 11.42
C HIS A 194 -4.33 -31.13 12.56
N HIS A 195 -3.16 -30.62 13.01
CA HIS A 195 -3.06 -29.67 14.10
C HIS A 195 -4.03 -28.52 13.91
N LEU A 196 -3.95 -27.80 12.78
CA LEU A 196 -4.76 -26.60 12.59
C LEU A 196 -6.24 -26.96 12.58
N ILE A 197 -6.60 -27.96 11.78
CA ILE A 197 -8.01 -28.31 11.62
C ILE A 197 -8.57 -28.77 12.97
N GLU A 198 -7.77 -29.57 13.68
CA GLU A 198 -8.14 -30.08 15.00
C GLU A 198 -8.22 -28.96 16.04
N LYS A 199 -7.27 -28.02 16.03
CA LYS A 199 -7.30 -26.92 16.98
C LYS A 199 -8.52 -26.04 16.73
N LEU A 200 -8.86 -25.80 15.46
CA LEU A 200 -10.01 -24.98 15.15
C LEU A 200 -11.27 -25.65 15.69
N LYS A 201 -11.39 -26.97 15.46
CA LYS A 201 -12.47 -27.77 16.03
C LYS A 201 -12.47 -27.69 17.56
N GLU A 202 -11.28 -27.79 18.16
CA GLU A 202 -11.16 -27.74 19.61
C GLU A 202 -11.72 -26.42 20.13
N TYR A 203 -11.49 -25.34 19.38
CA TYR A 203 -11.89 -24.00 19.79
C TYR A 203 -13.28 -23.63 19.27
N HIS A 204 -14.03 -24.61 18.75
CA HIS A 204 -15.39 -24.41 18.24
C HIS A 204 -15.45 -23.31 17.18
N ALA A 205 -14.46 -23.28 16.28
CA ALA A 205 -14.43 -22.34 15.17
C ALA A 205 -15.54 -22.70 14.17
N ALA A 206 -15.93 -21.71 13.36
CA ALA A 206 -16.77 -21.96 12.19
C ALA A 206 -16.07 -23.00 11.31
N PRO A 207 -16.83 -23.88 10.62
CA PRO A 207 -16.24 -24.95 9.80
C PRO A 207 -15.23 -24.37 8.79
N ALA A 208 -14.14 -25.09 8.55
CA ALA A 208 -13.07 -24.58 7.71
C ALA A 208 -13.32 -24.83 6.22
N LEU A 209 -13.01 -23.82 5.38
CA LEU A 209 -12.92 -24.03 3.93
C LEU A 209 -11.48 -23.74 3.54
N GLN A 210 -10.85 -24.69 2.83
CA GLN A 210 -9.48 -24.46 2.38
C GLN A 210 -9.50 -23.68 1.07
N GLY A 211 -8.62 -22.67 0.95
CA GLY A 211 -8.54 -21.91 -0.29
C GLY A 211 -7.12 -21.46 -0.60
N PHE A 212 -6.88 -21.10 -1.89
CA PHE A 212 -5.63 -20.73 -2.56
C PHE A 212 -5.03 -21.96 -3.24
N GLY A 213 -4.91 -21.89 -4.56
CA GLY A 213 -4.25 -22.91 -5.34
C GLY A 213 -5.08 -24.17 -5.61
N ILE A 214 -6.34 -24.21 -5.17
CA ILE A 214 -7.18 -25.40 -5.39
C ILE A 214 -7.71 -25.36 -6.83
N SER A 215 -7.24 -26.31 -7.66
CA SER A 215 -7.56 -26.23 -9.08
C SER A 215 -7.98 -27.57 -9.67
N SER A 216 -8.01 -28.62 -8.83
CA SER A 216 -8.27 -29.97 -9.33
C SER A 216 -9.19 -30.74 -8.38
N PRO A 217 -9.97 -31.69 -8.91
CA PRO A 217 -10.83 -32.52 -8.05
C PRO A 217 -10.08 -33.20 -6.91
N GLU A 218 -8.87 -33.67 -7.20
CA GLU A 218 -8.09 -34.41 -6.21
C GLU A 218 -7.84 -33.53 -4.99
N GLN A 219 -7.63 -32.24 -5.21
CA GLN A 219 -7.35 -31.34 -4.10
C GLN A 219 -8.58 -31.10 -3.23
N VAL A 220 -9.77 -31.04 -3.87
CA VAL A 220 -11.03 -30.89 -3.14
C VAL A 220 -11.21 -32.12 -2.23
N SER A 221 -11.08 -33.31 -2.82
N SER A 221 -11.02 -33.31 -2.81
CA SER A 221 -11.22 -34.55 -2.05
CA SER A 221 -11.20 -34.57 -2.10
C SER A 221 -10.24 -34.56 -0.88
C SER A 221 -10.20 -34.68 -0.95
N ALA A 222 -8.98 -34.16 -1.16
CA ALA A 222 -7.93 -34.15 -0.16
C ALA A 222 -8.29 -33.21 1.00
N ALA A 223 -8.84 -32.03 0.67
CA ALA A 223 -9.13 -31.02 1.69
C ALA A 223 -10.16 -31.58 2.68
N VAL A 224 -11.18 -32.23 2.13
CA VAL A 224 -12.28 -32.77 2.89
C VAL A 224 -11.77 -33.94 3.72
N ARG A 225 -10.93 -34.80 3.13
CA ARG A 225 -10.39 -35.94 3.86
C ARG A 225 -9.55 -35.45 5.05
N ALA A 226 -8.87 -34.30 4.88
CA ALA A 226 -8.02 -33.76 5.94
C ALA A 226 -8.84 -33.18 7.09
N GLY A 227 -10.16 -33.02 6.89
CA GLY A 227 -11.02 -32.54 7.96
C GLY A 227 -11.62 -31.17 7.69
N ALA A 228 -11.26 -30.53 6.56
CA ALA A 228 -11.92 -29.29 6.19
C ALA A 228 -13.37 -29.61 5.78
N ALA A 229 -14.25 -28.61 5.94
CA ALA A 229 -15.66 -28.75 5.58
C ALA A 229 -15.81 -28.61 4.07
N GLY A 230 -14.74 -28.17 3.40
CA GLY A 230 -14.84 -27.97 1.95
C GLY A 230 -13.70 -27.14 1.40
N ALA A 231 -13.81 -26.78 0.11
CA ALA A 231 -12.72 -26.09 -0.57
C ALA A 231 -13.25 -24.95 -1.45
N ILE A 232 -12.45 -23.89 -1.57
CA ILE A 232 -12.73 -22.76 -2.46
C ILE A 232 -11.78 -22.80 -3.65
N SER A 233 -12.29 -22.54 -4.87
CA SER A 233 -11.47 -22.44 -6.07
C SER A 233 -11.82 -21.14 -6.79
N GLY A 234 -10.81 -20.31 -7.10
CA GLY A 234 -11.08 -19.05 -7.81
C GLY A 234 -10.41 -18.98 -9.16
N SER A 235 -9.07 -18.89 -9.14
CA SER A 235 -8.32 -18.72 -10.38
C SER A 235 -8.68 -19.77 -11.43
N ALA A 236 -8.86 -21.04 -11.00
CA ALA A 236 -9.15 -22.10 -11.97
C ALA A 236 -10.46 -21.84 -12.68
N ILE A 237 -11.43 -21.23 -11.98
CA ILE A 237 -12.73 -20.91 -12.53
C ILE A 237 -12.58 -19.69 -13.45
N VAL A 238 -11.84 -18.69 -12.96
CA VAL A 238 -11.67 -17.45 -13.70
C VAL A 238 -10.89 -17.69 -15.00
N LYS A 239 -9.95 -18.65 -14.98
CA LYS A 239 -9.18 -19.00 -16.17
C LYS A 239 -10.10 -19.48 -17.30
N ILE A 240 -11.21 -20.15 -16.94
CA ILE A 240 -12.17 -20.63 -17.94
C ILE A 240 -12.90 -19.46 -18.58
N ILE A 241 -13.19 -18.42 -17.79
CA ILE A 241 -13.77 -17.19 -18.32
C ILE A 241 -12.79 -16.56 -19.31
N GLU A 242 -11.54 -16.37 -18.84
CA GLU A 242 -10.50 -15.70 -19.60
C GLU A 242 -10.29 -16.42 -20.93
N LYS A 243 -10.28 -17.77 -20.89
CA LYS A 243 -9.97 -18.62 -22.04
C LYS A 243 -11.06 -18.50 -23.10
N ASN A 244 -12.28 -18.17 -22.68
CA ASN A 244 -13.44 -18.32 -23.55
C ASN A 244 -14.17 -17.00 -23.75
N LEU A 245 -13.47 -15.87 -23.66
CA LEU A 245 -14.16 -14.59 -23.73
C LEU A 245 -14.95 -14.46 -25.02
N ALA A 246 -14.38 -14.96 -26.13
CA ALA A 246 -14.96 -14.79 -27.46
C ALA A 246 -16.08 -15.78 -27.72
N SER A 247 -16.27 -16.73 -26.78
CA SER A 247 -17.15 -17.88 -26.95
C SER A 247 -18.02 -18.05 -25.72
N PRO A 248 -19.03 -17.16 -25.50
CA PRO A 248 -19.80 -17.18 -24.26
C PRO A 248 -20.55 -18.48 -23.99
N LYS A 249 -21.10 -19.12 -25.04
CA LYS A 249 -21.76 -20.40 -24.85
C LYS A 249 -20.77 -21.48 -24.40
N GLN A 250 -19.61 -21.54 -25.07
CA GLN A 250 -18.60 -22.52 -24.70
C GLN A 250 -18.09 -22.24 -23.28
N MET A 251 -17.97 -20.95 -22.95
CA MET A 251 -17.58 -20.58 -21.59
C MET A 251 -18.47 -21.26 -20.54
N LEU A 252 -19.78 -21.17 -20.74
CA LEU A 252 -20.73 -21.72 -19.78
C LEU A 252 -20.64 -23.24 -19.75
N ALA A 253 -20.43 -23.86 -20.92
CA ALA A 253 -20.31 -25.32 -20.99
C ALA A 253 -19.09 -25.80 -20.20
N GLU A 254 -17.96 -25.11 -20.37
CA GLU A 254 -16.71 -25.49 -19.72
C GLU A 254 -16.81 -25.21 -18.22
N LEU A 255 -17.44 -24.09 -17.86
CA LEU A 255 -17.66 -23.80 -16.45
C LEU A 255 -18.48 -24.91 -15.82
N ARG A 256 -19.53 -25.35 -16.54
CA ARG A 256 -20.40 -26.39 -16.02
C ARG A 256 -19.63 -27.69 -15.79
N SER A 257 -18.86 -28.13 -16.80
CA SER A 257 -18.08 -29.38 -16.73
C SER A 257 -17.10 -29.34 -15.56
N PHE A 258 -16.38 -28.22 -15.41
CA PHE A 258 -15.40 -28.08 -14.35
C PHE A 258 -16.04 -28.11 -12.96
N VAL A 259 -17.09 -27.29 -12.78
CA VAL A 259 -17.73 -27.19 -11.47
C VAL A 259 -18.33 -28.54 -11.09
N SER A 260 -18.97 -29.20 -12.06
N SER A 260 -18.97 -29.21 -12.06
CA SER A 260 -19.52 -30.53 -11.81
CA SER A 260 -19.52 -30.54 -11.86
C SER A 260 -18.44 -31.49 -11.31
C SER A 260 -18.46 -31.50 -11.33
N ALA A 261 -17.26 -31.43 -11.92
CA ALA A 261 -16.17 -32.35 -11.57
C ALA A 261 -15.66 -32.04 -10.17
N MET A 262 -15.53 -30.74 -9.89
CA MET A 262 -15.03 -30.29 -8.60
C MET A 262 -16.03 -30.69 -7.51
N LYS A 263 -17.33 -30.50 -7.79
CA LYS A 263 -18.33 -30.83 -6.80
C LYS A 263 -18.36 -32.33 -6.55
N ALA A 264 -18.24 -33.13 -7.62
CA ALA A 264 -18.27 -34.58 -7.45
C ALA A 264 -17.18 -35.03 -6.48
N ALA A 265 -16.04 -34.35 -6.51
CA ALA A 265 -14.90 -34.71 -5.67
C ALA A 265 -15.21 -34.55 -4.18
N SER A 266 -16.23 -33.75 -3.85
CA SER A 266 -16.52 -33.46 -2.46
C SER A 266 -17.44 -34.51 -1.85
N ARG A 267 -18.06 -35.36 -2.68
CA ARG A 267 -19.08 -36.27 -2.18
C ARG A 267 -18.40 -37.48 -1.56
N ALA A 268 -18.99 -37.99 -0.47
CA ALA A 268 -18.45 -39.15 0.23
C ALA A 268 -18.56 -40.40 -0.65
N THR B 2 -0.84 -7.75 18.40
CA THR B 2 -0.02 -7.09 19.48
C THR B 2 1.27 -6.54 18.88
N THR B 3 1.66 -5.32 19.31
CA THR B 3 2.90 -4.72 18.83
C THR B 3 3.70 -4.14 19.99
N LEU B 4 4.96 -3.81 19.73
CA LEU B 4 5.82 -3.22 20.74
C LEU B 4 5.64 -1.71 20.76
N LEU B 5 5.32 -1.13 19.60
CA LEU B 5 5.17 0.31 19.45
C LEU B 5 3.75 0.60 18.96
N ASN B 6 3.34 1.87 19.12
CA ASN B 6 2.00 2.29 18.73
C ASN B 6 1.93 2.32 17.20
N PRO B 7 1.04 1.54 16.54
CA PRO B 7 0.97 1.57 15.08
C PRO B 7 0.17 2.76 14.53
N TYR B 8 -0.44 3.55 15.44
CA TYR B 8 -1.30 4.66 15.03
C TYR B 8 -0.72 6.01 15.47
N PHE B 9 -1.06 7.03 14.67
CA PHE B 9 -0.84 8.43 15.00
C PHE B 9 -2.24 9.03 15.06
N GLY B 10 -2.80 9.12 16.26
CA GLY B 10 -4.24 9.39 16.39
C GLY B 10 -5.02 8.30 15.65
N GLU B 11 -5.92 8.70 14.72
CA GLU B 11 -6.77 7.78 13.99
C GLU B 11 -6.02 7.19 12.79
N PHE B 12 -4.85 7.74 12.44
CA PHE B 12 -4.20 7.42 11.17
C PHE B 12 -3.14 6.33 11.35
N GLY B 13 -2.97 5.51 10.30
CA GLY B 13 -1.88 4.53 10.28
C GLY B 13 -2.43 3.09 10.35
N GLY B 14 -1.87 2.29 11.28
CA GLY B 14 -2.31 0.91 11.41
C GLY B 14 -1.53 -0.07 10.55
N MET B 15 -2.07 -1.29 10.47
CA MET B 15 -1.42 -2.41 9.79
C MET B 15 -2.45 -3.16 8.95
N TYR B 16 -2.91 -2.50 7.89
CA TYR B 16 -3.98 -3.06 7.07
C TYR B 16 -3.40 -3.90 5.95
N VAL B 17 -2.86 -5.07 6.33
CA VAL B 17 -2.27 -6.00 5.37
C VAL B 17 -3.00 -7.32 5.53
N PRO B 18 -2.98 -8.19 4.49
CA PRO B 18 -3.46 -9.55 4.64
C PRO B 18 -2.82 -10.22 5.86
N GLN B 19 -3.57 -11.11 6.51
CA GLN B 19 -3.13 -11.81 7.71
C GLN B 19 -1.75 -12.44 7.50
N ILE B 20 -1.51 -12.99 6.31
CA ILE B 20 -0.26 -13.67 5.99
C ILE B 20 0.96 -12.78 6.21
N LEU B 21 0.81 -11.44 6.09
CA LEU B 21 1.96 -10.54 6.22
C LEU B 21 2.18 -10.01 7.64
N MET B 22 1.26 -10.32 8.56
CA MET B 22 1.43 -9.80 9.90
C MET B 22 2.73 -10.28 10.56
N PRO B 23 3.12 -11.57 10.48
CA PRO B 23 4.39 -11.98 11.05
C PRO B 23 5.60 -11.20 10.51
N ALA B 24 5.56 -10.86 9.22
CA ALA B 24 6.66 -10.11 8.63
C ALA B 24 6.74 -8.73 9.29
N LEU B 25 5.58 -8.08 9.48
CA LEU B 25 5.61 -6.75 10.09
C LEU B 25 6.07 -6.85 11.54
N ASN B 26 5.61 -7.89 12.25
CA ASN B 26 5.99 -8.02 13.66
C ASN B 26 7.49 -8.30 13.79
N GLN B 27 8.03 -9.13 12.89
CA GLN B 27 9.45 -9.44 12.87
C GLN B 27 10.25 -8.16 12.64
N LEU B 28 9.79 -7.36 11.66
CA LEU B 28 10.51 -6.14 11.31
C LEU B 28 10.50 -5.14 12.46
N GLU B 29 9.33 -4.96 13.09
CA GLU B 29 9.23 -4.11 14.26
C GLU B 29 10.19 -4.57 15.35
N GLU B 30 10.21 -5.88 15.67
CA GLU B 30 11.09 -6.38 16.73
C GLU B 30 12.57 -6.07 16.41
N ALA B 31 12.96 -6.31 15.16
CA ALA B 31 14.34 -6.10 14.74
C ALA B 31 14.69 -4.61 14.83
N PHE B 32 13.75 -3.74 14.47
CA PHE B 32 13.96 -2.30 14.52
C PHE B 32 14.15 -1.82 15.97
N VAL B 33 13.26 -2.28 16.86
CA VAL B 33 13.35 -1.88 18.26
C VAL B 33 14.69 -2.34 18.84
N SER B 34 15.12 -3.55 18.47
CA SER B 34 16.39 -4.09 18.94
C SER B 34 17.55 -3.26 18.40
N ALA B 35 17.54 -3.02 17.08
CA ALA B 35 18.58 -2.23 16.44
C ALA B 35 18.71 -0.84 17.07
N GLN B 36 17.57 -0.21 17.38
CA GLN B 36 17.58 1.13 17.93
C GLN B 36 18.27 1.17 19.29
N LYS B 37 18.30 0.04 20.02
CA LYS B 37 19.00 -0.02 21.32
C LYS B 37 20.44 -0.50 21.19
N ASP B 38 20.89 -0.84 19.98
CA ASP B 38 22.15 -1.53 19.76
C ASP B 38 23.22 -0.52 19.34
N PRO B 39 24.16 -0.14 20.24
CA PRO B 39 25.21 0.82 19.84
C PRO B 39 26.03 0.41 18.60
N GLU B 40 26.22 -0.90 18.40
CA GLU B 40 26.99 -1.32 17.24
C GLU B 40 26.23 -1.05 15.95
N PHE B 41 24.91 -1.32 15.97
CA PHE B 41 24.08 -1.02 14.82
C PHE B 41 24.16 0.50 14.53
N GLN B 42 23.98 1.29 15.59
CA GLN B 42 23.99 2.75 15.44
C GLN B 42 25.33 3.21 14.87
N ALA B 43 26.45 2.64 15.35
CA ALA B 43 27.77 3.01 14.86
C ALA B 43 27.97 2.62 13.39
N GLN B 44 27.46 1.45 12.98
CA GLN B 44 27.57 1.01 11.59
C GLN B 44 26.78 1.94 10.67
N PHE B 45 25.56 2.29 11.09
CA PHE B 45 24.73 3.18 10.31
C PHE B 45 25.41 4.55 10.19
N ALA B 46 25.90 5.09 11.31
CA ALA B 46 26.56 6.38 11.31
C ALA B 46 27.77 6.38 10.39
N ASP B 47 28.50 5.26 10.38
CA ASP B 47 29.72 5.16 9.58
C ASP B 47 29.35 5.21 8.10
N LEU B 48 28.31 4.47 7.69
CA LEU B 48 27.90 4.50 6.28
C LEU B 48 27.42 5.90 5.93
N LEU B 49 26.65 6.51 6.83
CA LEU B 49 26.13 7.84 6.51
C LEU B 49 27.28 8.84 6.29
N LYS B 50 28.31 8.77 7.14
CA LYS B 50 29.43 9.70 7.08
C LYS B 50 30.33 9.40 5.87
N ASN B 51 30.84 8.16 5.81
CA ASN B 51 31.96 7.86 4.94
C ASN B 51 31.53 7.40 3.55
N TYR B 52 30.26 6.99 3.41
CA TYR B 52 29.76 6.54 2.13
C TYR B 52 28.81 7.57 1.53
N ALA B 53 27.89 8.08 2.35
CA ALA B 53 26.85 8.98 1.84
C ALA B 53 27.26 10.45 1.87
N GLY B 54 28.17 10.81 2.78
CA GLY B 54 28.72 12.15 2.86
C GLY B 54 28.04 13.07 3.89
N ARG B 55 27.42 12.50 4.93
CA ARG B 55 26.83 13.31 6.00
C ARG B 55 27.92 13.85 6.93
N PRO B 56 27.72 14.99 7.62
CA PRO B 56 26.53 15.81 7.50
C PRO B 56 26.50 16.63 6.22
N THR B 57 25.28 16.88 5.74
CA THR B 57 25.09 17.72 4.57
C THR B 57 25.13 19.19 4.99
N ALA B 58 25.54 20.07 4.06
CA ALA B 58 25.67 21.49 4.35
C ALA B 58 24.31 22.11 4.66
N LEU B 59 24.36 23.23 5.38
CA LEU B 59 23.22 24.14 5.48
C LEU B 59 23.65 25.47 4.87
N THR B 60 23.03 25.80 3.73
CA THR B 60 23.48 26.92 2.92
C THR B 60 22.59 28.16 3.12
N LYS B 61 23.21 29.29 3.48
CA LYS B 61 22.48 30.54 3.57
C LYS B 61 22.36 31.14 2.17
N CYS B 62 21.12 31.40 1.74
CA CYS B 62 20.88 31.92 0.41
C CYS B 62 20.57 33.41 0.49
N GLN B 63 21.61 34.24 0.33
CA GLN B 63 21.47 35.68 0.51
C GLN B 63 20.90 36.38 -0.72
N ASN B 64 21.21 35.88 -1.93
CA ASN B 64 20.78 36.58 -3.13
C ASN B 64 19.26 36.53 -3.26
N ILE B 65 18.66 35.38 -2.94
CA ILE B 65 17.23 35.16 -3.12
C ILE B 65 16.41 36.10 -2.24
N THR B 66 16.94 36.47 -1.06
CA THR B 66 16.12 37.15 -0.06
C THR B 66 16.50 38.63 0.04
N ALA B 67 17.38 39.11 -0.84
CA ALA B 67 17.84 40.49 -0.78
C ALA B 67 16.67 41.47 -0.77
N GLY B 68 16.71 42.46 0.15
CA GLY B 68 15.70 43.49 0.20
C GLY B 68 14.47 43.10 1.02
N THR B 69 14.53 41.95 1.69
CA THR B 69 13.43 41.50 2.55
C THR B 69 13.97 41.19 3.94
N ARG B 70 13.05 40.91 4.89
N ARG B 70 13.05 40.88 4.87
CA ARG B 70 13.43 40.55 6.24
CA ARG B 70 13.39 40.55 6.24
C ARG B 70 13.39 39.04 6.43
C ARG B 70 13.40 39.04 6.44
N THR B 71 13.42 38.27 5.34
CA THR B 71 13.53 36.83 5.38
C THR B 71 15.00 36.45 5.35
N THR B 72 15.42 35.55 6.26
CA THR B 72 16.69 34.86 6.14
C THR B 72 16.37 33.41 5.80
N LEU B 73 16.95 32.88 4.70
CA LEU B 73 16.60 31.56 4.19
C LEU B 73 17.87 30.71 4.14
N TYR B 74 17.78 29.52 4.75
CA TYR B 74 18.79 28.48 4.63
C TYR B 74 18.20 27.29 3.88
N LEU B 75 19.05 26.61 3.11
CA LEU B 75 18.68 25.35 2.47
C LEU B 75 19.47 24.20 3.11
N LYS B 76 18.73 23.19 3.55
CA LYS B 76 19.37 21.98 4.02
C LYS B 76 19.70 21.14 2.78
N ARG B 77 20.98 20.79 2.60
CA ARG B 77 21.48 20.38 1.28
C ARG B 77 21.46 18.85 1.10
N GLU B 78 20.25 18.26 1.14
CA GLU B 78 20.14 16.82 0.89
C GLU B 78 20.47 16.52 -0.58
N ASP B 79 20.48 17.59 -1.41
CA ASP B 79 20.88 17.46 -2.80
C ASP B 79 22.34 16.98 -2.91
N LEU B 80 23.13 17.19 -1.84
CA LEU B 80 24.56 16.84 -1.86
C LEU B 80 24.82 15.43 -1.34
N LEU B 81 23.79 14.73 -0.87
CA LEU B 81 23.95 13.37 -0.38
C LEU B 81 24.21 12.46 -1.57
N HIS B 82 25.01 11.42 -1.35
CA HIS B 82 25.25 10.42 -2.39
C HIS B 82 23.91 9.95 -2.95
N GLY B 83 23.81 9.93 -4.28
CA GLY B 83 22.60 9.54 -4.99
C GLY B 83 21.77 10.77 -5.38
N GLY B 84 22.06 11.90 -4.74
CA GLY B 84 21.45 13.16 -5.13
C GLY B 84 20.09 13.45 -4.46
N ALA B 85 19.68 12.62 -3.49
CA ALA B 85 18.44 12.89 -2.76
C ALA B 85 18.55 12.29 -1.37
N HIS B 86 17.65 12.75 -0.49
CA HIS B 86 17.62 12.30 0.90
C HIS B 86 17.34 10.80 1.03
N LYS B 87 16.77 10.16 0.00
CA LYS B 87 16.27 8.78 0.11
C LYS B 87 17.39 7.84 0.56
N THR B 88 18.63 8.19 0.21
CA THR B 88 19.80 7.41 0.55
C THR B 88 19.90 7.14 2.06
N ASN B 89 19.50 8.09 2.90
CA ASN B 89 19.68 7.89 4.34
C ASN B 89 18.96 6.62 4.80
N GLN B 90 17.67 6.49 4.42
CA GLN B 90 16.83 5.49 5.06
C GLN B 90 17.05 4.11 4.41
N VAL B 91 17.41 4.08 3.10
CA VAL B 91 17.72 2.81 2.46
C VAL B 91 18.94 2.18 3.11
N LEU B 92 19.93 2.98 3.53
CA LEU B 92 21.08 2.38 4.19
C LEU B 92 20.64 1.74 5.52
N GLY B 93 19.79 2.44 6.28
CA GLY B 93 19.30 1.91 7.55
C GLY B 93 18.45 0.66 7.34
N GLN B 94 17.56 0.67 6.33
CA GLN B 94 16.74 -0.50 6.08
C GLN B 94 17.60 -1.67 5.57
N ALA B 95 18.63 -1.39 4.77
CA ALA B 95 19.50 -2.46 4.33
C ALA B 95 20.20 -3.11 5.54
N LEU B 96 20.65 -2.29 6.50
CA LEU B 96 21.26 -2.86 7.68
C LEU B 96 20.24 -3.64 8.53
N LEU B 97 18.96 -3.21 8.55
CA LEU B 97 17.95 -4.00 9.26
C LEU B 97 17.77 -5.35 8.58
N ALA B 98 17.72 -5.36 7.24
CA ALA B 98 17.57 -6.60 6.50
C ALA B 98 18.68 -7.57 6.86
N LYS B 99 19.91 -7.05 6.93
CA LYS B 99 21.05 -7.88 7.32
C LYS B 99 20.90 -8.35 8.76
N ARG B 100 20.42 -7.47 9.66
CA ARG B 100 20.28 -7.83 11.06
C ARG B 100 19.36 -9.04 11.18
N MET B 101 18.31 -9.08 10.35
CA MET B 101 17.30 -10.12 10.40
C MET B 101 17.78 -11.37 9.65
N GLY B 102 18.95 -11.27 9.00
CA GLY B 102 19.53 -12.39 8.28
C GLY B 102 19.02 -12.57 6.85
N LYS B 103 18.44 -11.51 6.25
CA LYS B 103 17.90 -11.59 4.90
C LYS B 103 18.92 -11.13 3.88
N SER B 104 18.85 -11.73 2.67
CA SER B 104 19.84 -11.51 1.64
C SER B 104 19.22 -10.90 0.39
N GLU B 105 17.90 -10.70 0.42
CA GLU B 105 17.17 -10.18 -0.73
C GLU B 105 16.37 -8.95 -0.32
N ILE B 106 16.27 -7.97 -1.25
CA ILE B 106 15.52 -6.75 -1.10
C ILE B 106 14.48 -6.66 -2.20
N ILE B 107 13.26 -6.24 -1.81
CA ILE B 107 12.21 -5.85 -2.73
C ILE B 107 11.98 -4.35 -2.55
N ALA B 108 11.79 -3.62 -3.67
CA ALA B 108 11.42 -2.22 -3.54
C ALA B 108 10.47 -1.83 -4.65
N GLU B 109 9.64 -0.82 -4.36
CA GLU B 109 8.79 -0.18 -5.36
C GLU B 109 9.43 1.14 -5.78
N THR B 110 9.12 1.61 -6.98
CA THR B 110 9.54 2.96 -7.36
C THR B 110 8.60 3.51 -8.44
N GLY B 111 8.43 4.83 -8.42
CA GLY B 111 7.62 5.54 -9.40
C GLY B 111 8.54 6.25 -10.38
N ALA B 112 9.08 7.39 -9.95
CA ALA B 112 9.99 8.17 -10.79
C ALA B 112 11.37 7.53 -10.86
N GLY B 113 11.64 6.57 -9.95
CA GLY B 113 12.88 5.82 -10.06
C GLY B 113 13.92 6.12 -8.98
N GLN B 114 13.77 7.24 -8.24
CA GLN B 114 14.79 7.64 -7.29
C GLN B 114 14.89 6.62 -6.15
N HIS B 115 13.75 6.13 -5.63
CA HIS B 115 13.84 5.14 -4.58
C HIS B 115 14.45 3.84 -5.10
N GLY B 116 14.09 3.47 -6.35
CA GLY B 116 14.70 2.30 -6.98
C GLY B 116 16.23 2.39 -7.03
N VAL B 117 16.73 3.56 -7.46
CA VAL B 117 18.16 3.78 -7.57
C VAL B 117 18.79 3.72 -6.17
N ALA B 118 18.15 4.37 -5.17
CA ALA B 118 18.67 4.34 -3.81
C ALA B 118 18.72 2.91 -3.29
N SER B 119 17.65 2.15 -3.51
CA SER B 119 17.61 0.76 -3.03
C SER B 119 18.69 -0.04 -3.73
N ALA B 120 18.86 0.17 -5.04
CA ALA B 120 19.88 -0.54 -5.80
C ALA B 120 21.30 -0.25 -5.30
N LEU B 121 21.59 1.02 -4.98
CA LEU B 121 22.95 1.37 -4.56
C LEU B 121 23.27 0.79 -3.18
N ALA B 122 22.29 0.87 -2.26
CA ALA B 122 22.47 0.31 -0.93
C ALA B 122 22.68 -1.21 -1.04
N SER B 123 21.94 -1.86 -1.95
CA SER B 123 22.01 -3.30 -2.09
C SER B 123 23.35 -3.71 -2.69
N ALA B 124 23.85 -2.90 -3.65
CA ALA B 124 25.15 -3.16 -4.26
C ALA B 124 26.25 -3.11 -3.21
N LEU B 125 26.21 -2.05 -2.39
CA LEU B 125 27.22 -1.84 -1.37
C LEU B 125 27.20 -2.97 -0.35
N LEU B 126 26.00 -3.38 0.07
CA LEU B 126 25.89 -4.20 1.26
C LEU B 126 25.63 -5.67 0.93
N GLY B 127 25.75 -6.03 -0.35
CA GLY B 127 25.77 -7.44 -0.74
C GLY B 127 24.38 -8.08 -0.72
N LEU B 128 23.35 -7.30 -1.08
CA LEU B 128 21.98 -7.81 -1.14
C LEU B 128 21.54 -7.92 -2.59
N LYS B 129 20.73 -8.94 -2.87
N LYS B 129 20.63 -8.87 -2.86
CA LYS B 129 20.12 -9.08 -4.18
CA LYS B 129 20.06 -9.13 -4.18
C LYS B 129 18.86 -8.21 -4.16
C LYS B 129 18.74 -8.38 -4.33
N CYS B 130 18.74 -7.33 -5.15
CA CYS B 130 17.68 -6.33 -5.16
C CYS B 130 16.78 -6.51 -6.38
N ARG B 131 15.46 -6.60 -6.14
CA ARG B 131 14.48 -6.55 -7.22
C ARG B 131 13.51 -5.40 -6.97
N ILE B 132 13.24 -4.67 -8.05
CA ILE B 132 12.51 -3.41 -7.99
C ILE B 132 11.29 -3.51 -8.88
N TYR B 133 10.11 -3.21 -8.32
CA TYR B 133 8.88 -3.17 -9.09
C TYR B 133 8.62 -1.75 -9.54
N MET B 134 8.19 -1.60 -10.78
CA MET B 134 8.02 -0.28 -11.37
C MET B 134 6.91 -0.40 -12.41
N GLY B 135 5.89 0.47 -12.27
CA GLY B 135 4.81 0.43 -13.25
C GLY B 135 5.38 0.58 -14.66
N ALA B 136 4.83 -0.20 -15.60
CA ALA B 136 5.29 -0.18 -16.99
C ALA B 136 5.31 1.23 -17.58
N LYS B 137 4.33 2.09 -17.23
CA LYS B 137 4.33 3.44 -17.78
C LYS B 137 5.51 4.24 -17.24
N ASP B 138 5.88 3.96 -15.99
CA ASP B 138 7.04 4.61 -15.39
C ASP B 138 8.35 4.13 -16.01
N VAL B 139 8.46 2.81 -16.25
CA VAL B 139 9.62 2.22 -16.92
C VAL B 139 9.88 2.96 -18.22
N GLU B 140 8.80 3.17 -18.98
CA GLU B 140 8.88 3.76 -20.31
C GLU B 140 9.45 5.18 -20.21
N ARG B 141 9.08 5.90 -19.14
CA ARG B 141 9.35 7.33 -19.10
C ARG B 141 10.54 7.66 -18.20
N GLN B 142 11.16 6.64 -17.61
CA GLN B 142 12.28 6.87 -16.70
C GLN B 142 13.49 6.01 -17.09
N SER B 143 13.81 5.96 -18.39
N SER B 143 13.80 5.97 -18.39
CA SER B 143 14.93 5.16 -18.86
CA SER B 143 14.93 5.21 -18.90
C SER B 143 16.23 5.48 -18.13
C SER B 143 16.22 5.48 -18.12
N PRO B 144 16.61 6.76 -17.83
CA PRO B 144 17.84 7.00 -17.08
C PRO B 144 17.90 6.22 -15.75
N ASN B 145 16.85 6.31 -14.94
CA ASN B 145 16.86 5.65 -13.65
C ASN B 145 16.82 4.13 -13.82
N VAL B 146 16.09 3.65 -14.82
CA VAL B 146 16.03 2.21 -15.05
C VAL B 146 17.43 1.68 -15.38
N PHE B 147 18.16 2.43 -16.22
CA PHE B 147 19.51 2.03 -16.58
C PHE B 147 20.46 2.07 -15.37
N ARG B 148 20.34 3.09 -14.51
CA ARG B 148 21.15 3.17 -13.30
C ARG B 148 20.92 1.92 -12.45
N MET B 149 19.64 1.57 -12.27
CA MET B 149 19.31 0.41 -11.43
C MET B 149 19.97 -0.86 -11.96
N ARG B 150 19.90 -1.04 -13.29
CA ARG B 150 20.48 -2.20 -13.95
C ARG B 150 22.01 -2.20 -13.85
N LEU B 151 22.65 -1.04 -13.99
CA LEU B 151 24.10 -0.94 -13.84
C LEU B 151 24.52 -1.35 -12.43
N MET B 152 23.64 -1.10 -11.45
CA MET B 152 23.98 -1.39 -10.07
C MET B 152 23.56 -2.81 -9.73
N GLY B 153 23.12 -3.57 -10.75
CA GLY B 153 22.91 -5.00 -10.58
C GLY B 153 21.52 -5.36 -10.06
N ALA B 154 20.60 -4.39 -10.02
CA ALA B 154 19.24 -4.69 -9.58
C ALA B 154 18.41 -5.23 -10.75
N GLU B 155 17.42 -6.08 -10.42
CA GLU B 155 16.46 -6.56 -11.39
C GLU B 155 15.28 -5.60 -11.37
N VAL B 156 14.93 -5.06 -12.54
CA VAL B 156 13.77 -4.17 -12.63
C VAL B 156 12.62 -4.94 -13.28
N ILE B 157 11.47 -4.97 -12.60
CA ILE B 157 10.33 -5.78 -13.03
C ILE B 157 9.17 -4.84 -13.34
N PRO B 158 8.81 -4.65 -14.63
CA PRO B 158 7.67 -3.81 -15.01
C PRO B 158 6.36 -4.41 -14.49
N VAL B 159 5.48 -3.53 -14.01
CA VAL B 159 4.17 -3.92 -13.52
C VAL B 159 3.10 -3.40 -14.49
N HIS B 160 2.31 -4.31 -15.07
CA HIS B 160 1.39 -3.99 -16.14
C HIS B 160 -0.05 -3.91 -15.64
N SER B 161 -0.26 -4.30 -14.37
CA SER B 161 -1.58 -4.34 -13.75
C SER B 161 -2.09 -2.94 -13.41
N GLY B 162 -3.43 -2.85 -13.25
CA GLY B 162 -4.07 -1.61 -12.83
C GLY B 162 -3.72 -0.46 -13.75
N SER B 163 -3.16 0.60 -13.17
CA SER B 163 -2.83 1.79 -13.95
C SER B 163 -1.38 1.77 -14.44
N ALA B 164 -0.63 0.71 -14.12
CA ALA B 164 0.77 0.54 -14.53
C ALA B 164 1.64 1.71 -14.04
N THR B 165 1.38 2.18 -12.81
CA THR B 165 2.14 3.29 -12.21
C THR B 165 2.51 2.92 -10.77
N LEU B 166 2.85 3.94 -9.95
CA LEU B 166 3.43 3.72 -8.63
C LEU B 166 2.52 2.87 -7.74
N LYS B 167 1.22 3.21 -7.66
CA LYS B 167 0.38 2.45 -6.74
C LYS B 167 0.41 0.96 -7.13
N ASP B 168 0.52 0.67 -8.44
CA ASP B 168 0.46 -0.71 -8.90
C ASP B 168 1.74 -1.46 -8.57
N ALA B 169 2.86 -0.75 -8.58
CA ALA B 169 4.15 -1.28 -8.14
C ALA B 169 4.14 -1.55 -6.64
N CYS B 170 3.48 -0.66 -5.89
CA CYS B 170 3.33 -0.82 -4.44
C CYS B 170 2.60 -2.13 -4.15
N ASN B 171 1.52 -2.38 -4.90
CA ASN B 171 0.76 -3.62 -4.71
C ASN B 171 1.64 -4.84 -5.00
N GLU B 172 2.37 -4.78 -6.11
CA GLU B 172 3.12 -5.93 -6.58
C GLU B 172 4.23 -6.27 -5.59
N ALA B 173 4.85 -5.23 -5.01
CA ALA B 173 5.87 -5.43 -3.99
C ALA B 173 5.30 -6.21 -2.82
N LEU B 174 4.09 -5.82 -2.37
CA LEU B 174 3.44 -6.51 -1.26
C LEU B 174 3.03 -7.92 -1.64
N ARG B 175 2.61 -8.13 -2.91
CA ARG B 175 2.22 -9.46 -3.35
C ARG B 175 3.43 -10.39 -3.27
N ASP B 176 4.57 -9.89 -3.77
CA ASP B 176 5.81 -10.64 -3.72
C ASP B 176 6.18 -10.94 -2.27
N TRP B 177 6.18 -9.90 -1.42
CA TRP B 177 6.58 -10.06 -0.03
C TRP B 177 5.70 -11.08 0.69
N SER B 178 4.39 -11.13 0.35
CA SER B 178 3.44 -12.05 0.98
C SER B 178 3.85 -13.51 0.80
N GLY B 179 4.70 -13.78 -0.20
CA GLY B 179 5.21 -15.11 -0.48
C GLY B 179 6.70 -15.27 -0.16
N SER B 180 7.45 -14.17 0.00
CA SER B 180 8.91 -14.28 0.06
C SER B 180 9.52 -13.72 1.34
N TYR B 181 8.69 -13.30 2.30
N TYR B 181 8.71 -13.29 2.32
CA TYR B 181 9.15 -12.58 3.48
CA TYR B 181 9.26 -12.53 3.43
C TYR B 181 10.23 -13.34 4.26
C TYR B 181 10.22 -13.35 4.31
N GLU B 182 10.22 -14.68 4.15
CA GLU B 182 11.16 -15.51 4.91
C GLU B 182 12.62 -15.24 4.49
N THR B 183 12.82 -14.81 3.24
CA THR B 183 14.17 -14.56 2.73
C THR B 183 14.35 -13.12 2.29
N ALA B 184 13.26 -12.37 2.05
CA ALA B 184 13.37 -11.02 1.46
C ALA B 184 12.84 -9.96 2.42
N HIS B 185 13.47 -8.77 2.42
CA HIS B 185 12.94 -7.61 3.12
C HIS B 185 12.32 -6.64 2.12
N TYR B 186 11.15 -6.09 2.48
CA TYR B 186 10.52 -5.08 1.65
C TYR B 186 11.04 -3.69 2.04
N MET B 187 11.83 -3.07 1.15
CA MET B 187 12.42 -1.77 1.45
C MET B 187 11.47 -0.68 0.91
N LEU B 188 10.46 -0.33 1.72
CA LEU B 188 9.43 0.62 1.37
C LEU B 188 10.06 2.01 1.25
N GLY B 189 9.58 2.80 0.29
CA GLY B 189 10.29 4.00 -0.13
C GLY B 189 9.85 5.35 0.47
N THR B 190 8.89 5.35 1.41
CA THR B 190 8.47 6.61 2.04
C THR B 190 7.96 6.33 3.45
N ALA B 191 7.60 7.40 4.19
CA ALA B 191 7.13 7.29 5.57
C ALA B 191 5.63 6.98 5.59
N ALA B 192 5.27 5.89 4.93
CA ALA B 192 3.88 5.50 4.77
C ALA B 192 3.81 3.98 4.75
N GLY B 193 2.65 3.46 4.37
CA GLY B 193 2.42 2.02 4.40
C GLY B 193 2.17 1.51 5.82
N PRO B 194 2.14 0.18 6.03
CA PRO B 194 1.75 -0.33 7.35
C PRO B 194 2.86 -0.10 8.37
N HIS B 195 2.45 0.05 9.65
CA HIS B 195 3.41 0.00 10.73
C HIS B 195 4.20 -1.29 10.59
N PRO B 196 5.54 -1.30 10.82
CA PRO B 196 6.24 -0.15 11.40
C PRO B 196 6.92 0.82 10.43
N TYR B 197 6.54 0.80 9.16
CA TYR B 197 7.33 1.57 8.20
C TYR B 197 7.30 3.08 8.42
N PRO B 198 6.14 3.75 8.74
CA PRO B 198 6.18 5.19 8.96
C PRO B 198 7.15 5.58 10.07
N THR B 199 7.21 4.73 11.11
CA THR B 199 8.09 4.97 12.24
C THR B 199 9.56 4.76 11.85
N ILE B 200 9.85 3.66 11.16
CA ILE B 200 11.24 3.34 10.82
C ILE B 200 11.81 4.40 9.88
N VAL B 201 11.01 4.78 8.88
CA VAL B 201 11.50 5.70 7.86
C VAL B 201 11.76 7.06 8.51
N ARG B 202 10.86 7.49 9.42
CA ARG B 202 11.11 8.72 10.17
C ARG B 202 12.44 8.62 10.93
N GLU B 203 12.63 7.54 11.69
CA GLU B 203 13.82 7.45 12.53
C GLU B 203 15.11 7.39 11.69
N PHE B 204 15.04 6.83 10.48
CA PHE B 204 16.18 6.71 9.59
C PHE B 204 16.35 7.94 8.68
N GLN B 205 15.47 8.95 8.85
CA GLN B 205 15.60 10.25 8.18
C GLN B 205 15.79 11.41 9.16
N ARG B 206 15.76 11.16 10.47
CA ARG B 206 15.65 12.23 11.45
C ARG B 206 16.95 13.01 11.61
N MET B 207 18.07 12.46 11.09
CA MET B 207 19.32 13.20 11.12
C MET B 207 19.20 14.48 10.29
N ILE B 208 18.26 14.54 9.35
CA ILE B 208 18.09 15.78 8.58
C ILE B 208 17.78 16.96 9.52
N GLY B 209 16.71 16.79 10.31
CA GLY B 209 16.32 17.82 11.27
C GLY B 209 17.33 17.98 12.41
N GLU B 210 17.93 16.87 12.87
CA GLU B 210 18.90 16.95 13.96
C GLU B 210 20.07 17.84 13.53
N GLU B 211 20.59 17.59 12.33
CA GLU B 211 21.72 18.38 11.82
C GLU B 211 21.30 19.83 11.61
N THR B 212 20.11 20.02 11.03
CA THR B 212 19.59 21.37 10.78
C THR B 212 19.58 22.18 12.08
N LYS B 213 19.10 21.54 13.16
CA LYS B 213 19.00 22.23 14.44
C LYS B 213 20.40 22.65 14.91
N ALA B 214 21.38 21.71 14.85
CA ALA B 214 22.72 22.03 15.31
C ALA B 214 23.33 23.15 14.47
N GLN B 215 23.10 23.09 13.16
CA GLN B 215 23.71 24.01 12.20
C GLN B 215 23.10 25.41 12.35
N ILE B 216 21.77 25.47 12.51
CA ILE B 216 21.13 26.77 12.70
C ILE B 216 21.51 27.38 14.06
N LEU B 217 21.64 26.57 15.11
CA LEU B 217 22.06 27.12 16.40
C LEU B 217 23.47 27.69 16.29
N ASP B 218 24.34 26.98 15.60
CA ASP B 218 25.71 27.42 15.36
C ASP B 218 25.76 28.76 14.61
N LYS B 219 24.95 28.90 13.54
N LYS B 219 24.95 28.91 13.55
N LYS B 219 24.91 28.91 13.57
CA LYS B 219 25.05 30.06 12.67
CA LYS B 219 25.07 30.08 12.70
CA LYS B 219 25.01 30.00 12.61
C LYS B 219 24.23 31.24 13.22
C LYS B 219 24.24 31.24 13.23
C LYS B 219 24.12 31.19 13.00
N GLU B 220 23.05 30.94 13.77
CA GLU B 220 22.11 32.01 14.10
C GLU B 220 21.86 32.15 15.60
N GLY B 221 22.23 31.14 16.39
CA GLY B 221 22.08 31.22 17.84
C GLY B 221 20.63 31.04 18.33
N ARG B 222 19.74 30.59 17.44
N ARG B 222 19.78 30.51 17.45
CA ARG B 222 18.33 30.37 17.76
CA ARG B 222 18.38 30.27 17.77
C ARG B 222 17.72 29.42 16.72
C ARG B 222 17.83 29.20 16.84
N LEU B 223 16.58 28.81 17.08
CA LEU B 223 15.88 27.89 16.20
C LEU B 223 15.21 28.65 15.06
N PRO B 224 14.83 27.94 13.98
CA PRO B 224 14.14 28.56 12.85
C PRO B 224 12.73 28.97 13.29
N ASP B 225 12.17 29.99 12.62
CA ASP B 225 10.77 30.32 12.75
C ASP B 225 9.91 29.23 12.11
N ALA B 226 10.42 28.64 11.01
CA ALA B 226 9.69 27.56 10.35
C ALA B 226 10.66 26.72 9.52
N VAL B 227 10.32 25.43 9.39
CA VAL B 227 11.02 24.53 8.46
C VAL B 227 9.98 24.06 7.45
N ILE B 228 10.40 24.00 6.18
CA ILE B 228 9.48 23.82 5.07
C ILE B 228 9.99 22.68 4.20
N ALA B 229 9.11 21.72 3.89
CA ALA B 229 9.51 20.55 3.11
C ALA B 229 8.37 20.12 2.20
N CYS B 230 8.72 19.62 1.00
CA CYS B 230 7.73 19.02 0.12
C CYS B 230 7.27 17.67 0.68
N VAL B 231 6.05 17.26 0.28
CA VAL B 231 5.43 16.05 0.79
C VAL B 231 4.90 15.24 -0.39
N GLY B 232 5.64 14.16 -0.72
CA GLY B 232 5.19 13.10 -1.60
C GLY B 232 4.49 12.06 -0.74
N GLY B 233 5.22 11.08 -0.23
CA GLY B 233 4.71 10.20 0.81
C GLY B 233 5.04 10.72 2.20
N GLY B 234 6.03 11.63 2.32
CA GLY B 234 6.27 12.27 3.60
C GLY B 234 7.64 12.02 4.26
N SER B 235 8.54 11.25 3.61
CA SER B 235 9.81 10.93 4.25
C SER B 235 10.73 12.14 4.48
N ASN B 236 11.01 12.94 3.44
CA ASN B 236 11.96 14.03 3.66
C ASN B 236 11.37 15.02 4.67
N ALA B 237 10.05 15.21 4.59
CA ALA B 237 9.43 16.19 5.48
C ALA B 237 9.47 15.73 6.94
N ILE B 238 9.09 14.46 7.20
CA ILE B 238 9.12 14.01 8.58
C ILE B 238 10.57 13.95 9.08
N GLY B 239 11.52 13.70 8.19
CA GLY B 239 12.92 13.68 8.60
C GLY B 239 13.38 15.06 9.06
N MET B 240 12.92 16.12 8.36
CA MET B 240 13.21 17.48 8.76
C MET B 240 12.41 17.82 10.03
N PHE B 241 11.12 17.46 10.08
CA PHE B 241 10.29 17.87 11.20
C PHE B 241 10.63 17.20 12.54
N ALA B 242 11.09 15.94 12.52
CA ALA B 242 10.97 15.10 13.73
C ALA B 242 11.63 15.74 14.95
N ASP B 243 12.86 16.22 14.78
CA ASP B 243 13.61 16.74 15.92
C ASP B 243 13.07 18.10 16.39
N PHE B 244 12.18 18.72 15.61
CA PHE B 244 11.60 19.99 16.02
C PHE B 244 10.17 19.86 16.57
N ILE B 245 9.58 18.66 16.53
CA ILE B 245 8.19 18.52 16.96
C ILE B 245 8.00 19.09 18.38
N ASN B 246 8.96 18.83 19.28
CA ASN B 246 8.81 19.28 20.67
C ASN B 246 9.26 20.74 20.88
N ASP B 247 9.80 21.37 19.84
CA ASP B 247 10.15 22.80 19.89
C ASP B 247 8.94 23.61 19.41
N THR B 248 8.08 23.96 20.35
CA THR B 248 6.70 24.34 20.01
C THR B 248 6.67 25.63 19.18
N SER B 249 7.73 26.44 19.26
CA SER B 249 7.81 27.71 18.53
C SER B 249 8.21 27.51 17.06
N VAL B 250 8.70 26.33 16.69
CA VAL B 250 9.18 26.11 15.32
C VAL B 250 8.01 25.65 14.45
N GLY B 251 7.66 26.46 13.45
CA GLY B 251 6.62 26.11 12.49
C GLY B 251 7.07 24.93 11.63
N LEU B 252 6.14 24.00 11.38
CA LEU B 252 6.39 22.88 10.48
C LEU B 252 5.42 23.05 9.32
N ILE B 253 5.94 23.22 8.09
CA ILE B 253 5.10 23.48 6.93
C ILE B 253 5.43 22.40 5.90
N GLY B 254 4.41 21.60 5.53
CA GLY B 254 4.54 20.61 4.48
C GLY B 254 3.86 21.11 3.20
N VAL B 255 4.52 20.85 2.07
CA VAL B 255 4.01 21.34 0.79
C VAL B 255 3.67 20.19 -0.15
N GLU B 256 2.37 20.05 -0.40
CA GLU B 256 1.89 19.05 -1.36
C GLU B 256 1.87 19.67 -2.76
N PRO B 257 1.98 18.84 -3.82
CA PRO B 257 1.88 19.34 -5.19
C PRO B 257 0.44 19.71 -5.57
N GLY B 258 0.30 20.94 -6.06
CA GLY B 258 -1.00 21.42 -6.51
C GLY B 258 -1.23 21.16 -8.00
N GLY B 259 -0.21 20.61 -8.69
CA GLY B 259 -0.38 20.24 -10.10
C GLY B 259 -0.81 21.43 -10.96
N HIS B 260 -1.87 21.22 -11.76
CA HIS B 260 -2.42 22.28 -12.58
C HIS B 260 -3.31 23.24 -11.80
N GLY B 261 -3.47 22.99 -10.49
CA GLY B 261 -4.36 23.75 -9.64
C GLY B 261 -5.34 22.83 -8.93
N ILE B 262 -5.56 23.05 -7.63
CA ILE B 262 -6.47 22.23 -6.83
C ILE B 262 -7.82 22.10 -7.52
N GLU B 263 -8.31 23.24 -8.04
CA GLU B 263 -9.65 23.34 -8.58
C GLU B 263 -9.81 22.52 -9.85
N THR B 264 -8.68 22.14 -10.50
CA THR B 264 -8.74 21.34 -11.71
C THR B 264 -8.93 19.86 -11.39
N GLY B 265 -8.63 19.47 -10.14
CA GLY B 265 -8.63 18.08 -9.78
C GLY B 265 -7.31 17.38 -10.13
N GLU B 266 -6.46 18.05 -10.92
N GLU B 266 -6.48 18.05 -10.95
CA GLU B 266 -5.21 17.44 -11.37
CA GLU B 266 -5.19 17.50 -11.37
C GLU B 266 -4.09 17.88 -10.43
C GLU B 266 -4.10 17.93 -10.40
N HIS B 267 -3.98 17.18 -9.29
CA HIS B 267 -3.03 17.54 -8.26
C HIS B 267 -2.59 16.26 -7.54
N GLY B 268 -1.75 16.45 -6.52
CA GLY B 268 -1.32 15.36 -5.65
C GLY B 268 -1.37 15.79 -4.19
N ALA B 269 -2.49 16.40 -3.77
CA ALA B 269 -2.60 16.97 -2.44
C ALA B 269 -3.71 16.27 -1.65
N PRO B 270 -3.58 14.95 -1.35
CA PRO B 270 -4.59 14.21 -0.62
C PRO B 270 -4.75 14.65 0.84
N LEU B 271 -3.66 15.12 1.48
CA LEU B 271 -3.78 15.47 2.88
C LEU B 271 -4.82 16.59 3.03
N LYS B 272 -4.75 17.62 2.17
CA LYS B 272 -5.67 18.74 2.33
C LYS B 272 -6.92 18.63 1.44
N HIS B 273 -6.88 17.84 0.36
CA HIS B 273 -7.94 17.84 -0.63
C HIS B 273 -8.40 16.43 -1.02
N GLY B 274 -7.92 15.41 -0.32
CA GLY B 274 -8.41 14.07 -0.56
C GLY B 274 -9.42 13.66 0.51
N ARG B 275 -9.57 12.34 0.69
CA ARG B 275 -10.55 11.76 1.60
C ARG B 275 -9.86 10.59 2.30
N VAL B 276 -10.07 10.47 3.62
CA VAL B 276 -9.51 9.33 4.33
C VAL B 276 -10.02 8.00 3.76
N GLY B 277 -9.05 7.09 3.54
CA GLY B 277 -9.34 5.74 3.10
C GLY B 277 -8.37 4.75 3.71
N ILE B 278 -8.51 3.48 3.34
CA ILE B 278 -7.58 2.46 3.77
C ILE B 278 -6.97 1.84 2.52
N TYR B 279 -5.65 1.96 2.40
CA TYR B 279 -4.95 1.37 1.27
C TYR B 279 -3.47 1.37 1.59
N PHE B 280 -2.77 0.43 0.96
CA PHE B 280 -1.33 0.30 1.12
C PHE B 280 -1.00 0.13 2.59
N GLY B 281 -1.86 -0.62 3.30
CA GLY B 281 -1.55 -1.01 4.66
C GLY B 281 -1.87 0.06 5.69
N MET B 282 -2.48 1.19 5.27
CA MET B 282 -2.65 2.29 6.23
C MET B 282 -4.00 2.99 6.04
N LYS B 283 -4.49 3.60 7.12
CA LYS B 283 -5.60 4.54 7.08
C LYS B 283 -5.02 5.95 7.01
N ALA B 284 -5.29 6.61 5.90
CA ALA B 284 -4.72 7.94 5.65
C ALA B 284 -5.51 8.65 4.56
N PRO B 285 -5.38 9.97 4.42
CA PRO B 285 -6.03 10.66 3.34
C PRO B 285 -5.50 10.16 2.00
N MET B 286 -6.38 10.08 1.02
CA MET B 286 -5.85 9.67 -0.27
C MET B 286 -6.66 10.15 -1.45
N MET B 287 -6.06 9.97 -2.60
CA MET B 287 -6.65 10.29 -3.91
C MET B 287 -7.49 9.08 -4.27
N GLN B 288 -8.79 9.28 -4.33
CA GLN B 288 -9.69 8.15 -4.63
C GLN B 288 -10.93 8.68 -5.33
N THR B 289 -11.64 7.78 -6.01
CA THR B 289 -12.90 8.15 -6.64
C THR B 289 -14.00 8.22 -5.58
N ALA B 290 -15.16 8.74 -5.96
CA ALA B 290 -16.33 8.79 -5.07
C ALA B 290 -16.67 7.40 -4.51
N ASP B 291 -16.45 6.34 -5.31
CA ASP B 291 -16.79 4.97 -4.92
C ASP B 291 -15.70 4.31 -4.08
N GLY B 292 -14.51 4.91 -4.02
CA GLY B 292 -13.41 4.39 -3.22
C GLY B 292 -12.37 3.61 -4.04
N GLN B 293 -12.32 3.84 -5.36
CA GLN B 293 -11.21 3.28 -6.14
C GLN B 293 -10.02 4.23 -6.00
N ILE B 294 -8.81 3.70 -5.91
CA ILE B 294 -7.62 4.53 -5.72
C ILE B 294 -7.23 5.16 -7.06
N GLU B 295 -6.88 6.46 -7.00
CA GLU B 295 -6.52 7.26 -8.15
C GLU B 295 -5.05 7.69 -8.09
N GLU B 296 -4.56 8.21 -9.22
CA GLU B 296 -3.17 8.68 -9.30
C GLU B 296 -3.05 10.11 -8.75
N SER B 297 -1.85 10.46 -8.27
CA SER B 297 -1.49 11.85 -8.01
C SER B 297 -0.91 12.45 -9.29
N TYR B 298 -1.25 13.71 -9.61
CA TYR B 298 -0.57 14.39 -10.70
C TYR B 298 0.30 15.52 -10.15
N SER B 299 1.56 15.59 -10.61
CA SER B 299 2.44 16.74 -10.45
C SER B 299 3.39 16.81 -11.64
N ILE B 300 3.88 18.02 -11.97
CA ILE B 300 4.99 18.11 -12.91
C ILE B 300 6.18 17.28 -12.40
N SER B 301 6.33 17.17 -11.08
N SER B 301 6.29 17.17 -11.08
CA SER B 301 7.42 16.40 -10.52
CA SER B 301 7.38 16.41 -10.49
C SER B 301 6.98 14.97 -10.24
C SER B 301 6.92 14.96 -10.27
N ALA B 302 7.57 14.03 -10.99
CA ALA B 302 7.18 12.63 -10.92
C ALA B 302 7.42 12.07 -9.51
N GLY B 303 8.32 12.71 -8.75
CA GLY B 303 8.65 12.22 -7.43
C GLY B 303 7.57 12.48 -6.38
N LEU B 304 6.60 13.36 -6.68
CA LEU B 304 5.55 13.66 -5.73
C LEU B 304 4.24 12.92 -6.08
N ASP B 305 4.30 11.79 -6.81
N ASP B 305 4.38 11.76 -6.74
CA ASP B 305 3.11 11.11 -7.30
CA ASP B 305 3.32 10.95 -7.35
C ASP B 305 2.67 9.93 -6.42
C ASP B 305 2.56 10.05 -6.36
N PHE B 306 3.08 9.87 -5.14
CA PHE B 306 2.46 8.90 -4.23
C PHE B 306 1.03 9.35 -3.94
N PRO B 307 -0.02 8.51 -4.17
CA PRO B 307 -1.41 8.97 -4.11
C PRO B 307 -2.04 9.07 -2.71
N SER B 308 -1.20 9.04 -1.69
CA SER B 308 -1.64 9.22 -0.32
C SER B 308 -0.55 10.03 0.39
N VAL B 309 -0.47 9.87 1.71
CA VAL B 309 0.46 10.64 2.51
C VAL B 309 0.70 9.84 3.79
N GLY B 310 1.90 9.98 4.36
CA GLY B 310 2.22 9.28 5.59
C GLY B 310 1.27 9.66 6.72
N PRO B 311 0.90 8.68 7.59
CA PRO B 311 -0.10 8.92 8.62
C PRO B 311 0.37 9.90 9.69
N GLN B 312 1.68 10.00 9.92
CA GLN B 312 2.13 10.97 10.92
C GLN B 312 1.86 12.41 10.47
N HIS B 313 1.92 12.65 9.16
CA HIS B 313 1.56 13.97 8.63
C HIS B 313 0.07 14.25 8.82
N ALA B 314 -0.77 13.27 8.50
CA ALA B 314 -2.21 13.47 8.70
C ALA B 314 -2.49 13.78 10.17
N TYR B 315 -1.75 13.14 11.09
CA TYR B 315 -1.92 13.37 12.52
C TYR B 315 -1.44 14.76 12.93
N LEU B 316 -0.23 15.14 12.53
CA LEU B 316 0.34 16.43 12.89
C LEU B 316 -0.58 17.55 12.37
N ASN B 317 -1.20 17.32 11.20
CA ASN B 317 -2.17 18.28 10.69
C ASN B 317 -3.40 18.34 11.60
N SER B 318 -3.96 17.17 11.93
N SER B 318 -3.92 17.17 11.98
CA SER B 318 -5.20 17.13 12.71
CA SER B 318 -5.16 17.06 12.73
C SER B 318 -5.08 17.90 14.04
C SER B 318 -5.10 17.81 14.07
N ILE B 319 -3.93 17.81 14.70
CA ILE B 319 -3.72 18.51 15.98
C ILE B 319 -3.20 19.94 15.82
N GLY B 320 -2.97 20.37 14.57
CA GLY B 320 -2.47 21.70 14.28
C GLY B 320 -0.98 21.91 14.54
N ARG B 321 -0.23 20.83 14.79
CA ARG B 321 1.20 20.96 15.02
C ARG B 321 1.94 21.31 13.72
N ALA B 322 1.47 20.79 12.58
CA ALA B 322 2.03 21.16 11.28
C ALA B 322 0.92 21.70 10.37
N ASP B 323 1.29 22.66 9.51
CA ASP B 323 0.37 23.20 8.52
C ASP B 323 0.80 22.66 7.15
N TYR B 324 -0.20 22.37 6.30
CA TYR B 324 0.07 21.83 4.97
C TYR B 324 -0.57 22.76 3.95
N VAL B 325 0.19 23.01 2.88
CA VAL B 325 -0.17 23.93 1.81
C VAL B 325 0.12 23.20 0.50
N SER B 326 -0.20 23.85 -0.61
CA SER B 326 0.09 23.32 -1.93
C SER B 326 0.76 24.38 -2.82
N ILE B 327 1.51 23.90 -3.81
CA ILE B 327 2.24 24.73 -4.76
C ILE B 327 2.00 24.12 -6.14
N THR B 328 1.65 24.97 -7.10
CA THR B 328 1.33 24.48 -8.43
C THR B 328 2.59 24.19 -9.25
N ASP B 329 2.40 23.53 -10.41
CA ASP B 329 3.48 23.27 -11.35
C ASP B 329 4.19 24.58 -11.69
N ASP B 330 3.42 25.63 -12.01
CA ASP B 330 4.04 26.87 -12.47
C ASP B 330 4.84 27.53 -11.35
N GLU B 331 4.32 27.47 -10.12
CA GLU B 331 5.05 28.02 -8.97
C GLU B 331 6.37 27.25 -8.75
N ALA B 332 6.30 25.91 -8.80
CA ALA B 332 7.51 25.11 -8.65
C ALA B 332 8.53 25.43 -9.74
N LEU B 333 8.08 25.61 -11.00
CA LEU B 333 9.00 25.91 -12.09
C LEU B 333 9.70 27.25 -11.87
N GLU B 334 8.94 28.24 -11.37
CA GLU B 334 9.55 29.55 -11.15
C GLU B 334 10.60 29.45 -10.05
N ALA B 335 10.34 28.64 -9.01
CA ALA B 335 11.30 28.51 -7.92
C ALA B 335 12.58 27.84 -8.42
N PHE B 336 12.41 26.85 -9.30
CA PHE B 336 13.53 26.12 -9.90
C PHE B 336 14.43 27.11 -10.64
N LYS B 337 13.82 27.94 -11.48
CA LYS B 337 14.57 28.91 -12.27
C LYS B 337 15.26 29.91 -11.35
N THR B 338 14.58 30.34 -10.39
CA THR B 338 15.11 31.34 -9.49
C THR B 338 16.34 30.83 -8.74
N LEU B 339 16.29 29.59 -8.25
CA LEU B 339 17.42 29.07 -7.50
C LEU B 339 18.65 28.90 -8.41
N CYS B 340 18.42 28.44 -9.64
CA CYS B 340 19.51 28.24 -10.59
C CYS B 340 20.22 29.59 -10.84
N ARG B 341 19.43 30.64 -11.08
CA ARG B 341 19.95 31.91 -11.57
C ARG B 341 20.60 32.71 -10.44
N HIS B 342 20.09 32.53 -9.20
CA HIS B 342 20.46 33.42 -8.12
C HIS B 342 21.40 32.77 -7.10
N GLU B 343 21.43 31.43 -7.07
CA GLU B 343 22.25 30.72 -6.09
C GLU B 343 23.17 29.68 -6.76
N GLY B 344 23.00 29.45 -8.06
CA GLY B 344 23.80 28.44 -8.76
C GLY B 344 23.56 27.00 -8.26
N ILE B 345 22.34 26.74 -7.76
CA ILE B 345 21.97 25.41 -7.28
C ILE B 345 20.78 24.96 -8.12
N ILE B 346 20.89 23.76 -8.73
CA ILE B 346 19.79 23.21 -9.51
C ILE B 346 18.98 22.31 -8.59
N PRO B 347 17.77 22.71 -8.17
CA PRO B 347 17.02 21.91 -7.19
C PRO B 347 16.14 20.90 -7.94
N ALA B 348 15.87 19.76 -7.29
CA ALA B 348 14.86 18.84 -7.79
C ALA B 348 13.54 19.61 -7.92
N LEU B 349 12.71 19.28 -8.93
CA LEU B 349 11.38 19.85 -9.01
C LEU B 349 10.53 19.53 -7.77
N GLU B 350 10.78 18.39 -7.12
CA GLU B 350 10.08 18.07 -5.88
C GLU B 350 10.39 19.17 -4.86
N SER B 351 11.68 19.32 -4.57
CA SER B 351 12.18 20.27 -3.58
C SER B 351 11.77 21.70 -3.94
N SER B 352 11.64 21.98 -5.25
CA SER B 352 11.26 23.29 -5.74
C SER B 352 9.88 23.67 -5.22
N HIS B 353 9.04 22.69 -4.87
CA HIS B 353 7.74 22.97 -4.27
C HIS B 353 7.93 23.62 -2.90
N ALA B 354 8.86 23.07 -2.10
CA ALA B 354 9.14 23.67 -0.80
C ALA B 354 9.73 25.06 -0.96
N LEU B 355 10.69 25.21 -1.87
CA LEU B 355 11.31 26.51 -2.11
C LEU B 355 10.26 27.53 -2.55
N ALA B 356 9.36 27.12 -3.46
CA ALA B 356 8.32 28.03 -3.95
C ALA B 356 7.46 28.54 -2.79
N HIS B 357 7.10 27.66 -1.83
CA HIS B 357 6.28 28.15 -0.73
C HIS B 357 7.07 29.15 0.12
N ALA B 358 8.37 28.88 0.35
CA ALA B 358 9.18 29.81 1.13
C ALA B 358 9.27 31.16 0.43
N LEU B 359 9.43 31.14 -0.90
CA LEU B 359 9.53 32.35 -1.70
C LEU B 359 8.22 33.13 -1.54
N LYS B 360 7.09 32.40 -1.48
CA LYS B 360 5.79 33.03 -1.27
C LYS B 360 5.70 33.66 0.12
N MET B 361 6.18 32.95 1.15
CA MET B 361 6.15 33.50 2.49
C MET B 361 6.90 34.83 2.54
N MET B 362 8.06 34.89 1.87
CA MET B 362 8.88 36.08 1.81
C MET B 362 8.18 37.18 1.01
N ARG B 363 7.75 36.83 -0.20
CA ARG B 363 7.24 37.85 -1.12
C ARG B 363 5.92 38.48 -0.65
N GLU B 364 5.06 37.70 0.00
CA GLU B 364 3.73 38.14 0.40
C GLU B 364 3.88 39.14 1.54
N GLN B 365 4.92 38.93 2.36
CA GLN B 365 5.09 39.70 3.58
C GLN B 365 6.58 40.05 3.72
N PRO B 366 7.11 40.95 2.86
CA PRO B 366 8.55 41.11 2.74
C PRO B 366 9.21 41.83 3.91
N GLU B 367 8.38 42.46 4.78
N GLU B 367 8.39 42.48 4.76
CA GLU B 367 8.93 43.15 5.94
CA GLU B 367 8.92 43.15 5.95
C GLU B 367 8.73 42.31 7.20
C GLU B 367 8.59 42.36 7.21
N LYS B 368 8.21 41.08 7.04
CA LYS B 368 8.08 40.17 8.17
C LYS B 368 9.45 39.55 8.48
N GLU B 369 9.90 39.69 9.72
CA GLU B 369 11.16 39.08 10.13
C GLU B 369 10.92 37.58 10.31
N GLN B 370 11.63 36.76 9.51
CA GLN B 370 11.45 35.32 9.60
C GLN B 370 12.71 34.59 9.18
N LEU B 371 13.07 33.60 9.99
CA LEU B 371 14.22 32.74 9.75
C LEU B 371 13.69 31.39 9.29
N LEU B 372 13.90 31.07 8.01
CA LEU B 372 13.28 29.90 7.39
C LEU B 372 14.36 28.89 6.98
N VAL B 373 14.02 27.60 7.04
CA VAL B 373 14.85 26.56 6.46
C VAL B 373 14.00 25.76 5.50
N VAL B 374 14.46 25.64 4.25
CA VAL B 374 13.80 24.77 3.27
C VAL B 374 14.63 23.51 3.19
N ASN B 375 13.97 22.35 3.23
CA ASN B 375 14.68 21.10 3.03
C ASN B 375 14.89 20.91 1.53
N LEU B 376 16.14 21.03 1.06
CA LEU B 376 16.37 20.80 -0.37
C LEU B 376 16.62 19.31 -0.58
N SER B 377 15.51 18.58 -0.77
CA SER B 377 15.48 17.13 -0.71
C SER B 377 16.34 16.50 -1.81
N GLY B 378 16.52 17.19 -2.96
CA GLY B 378 17.35 16.56 -3.99
C GLY B 378 17.84 17.56 -5.02
N ARG B 379 18.75 17.12 -5.91
N ARG B 379 18.73 17.09 -5.92
CA ARG B 379 19.24 17.99 -6.97
CA ARG B 379 19.27 17.89 -7.00
C ARG B 379 18.43 17.72 -8.24
C ARG B 379 18.38 17.73 -8.23
N GLY B 380 18.48 18.69 -9.15
CA GLY B 380 17.54 18.77 -10.27
C GLY B 380 18.13 18.50 -11.64
N ASP B 381 19.32 17.89 -11.69
CA ASP B 381 19.92 17.45 -12.95
C ASP B 381 18.90 16.67 -13.78
N LYS B 382 18.19 15.76 -13.10
CA LYS B 382 17.19 14.88 -13.70
C LYS B 382 16.05 15.66 -14.37
N ASP B 383 15.86 16.93 -13.98
CA ASP B 383 14.69 17.68 -14.38
C ASP B 383 14.99 18.66 -15.50
N ILE B 384 16.25 18.75 -15.97
CA ILE B 384 16.63 19.86 -16.83
C ILE B 384 15.90 19.80 -18.17
N PHE B 385 15.67 18.59 -18.69
CA PHE B 385 14.95 18.47 -19.95
C PHE B 385 13.48 18.83 -19.79
N THR B 386 12.86 18.38 -18.68
CA THR B 386 11.46 18.68 -18.40
C THR B 386 11.27 20.19 -18.37
N VAL B 387 12.19 20.87 -17.67
CA VAL B 387 12.14 22.32 -17.51
C VAL B 387 12.44 22.98 -18.86
N HIS B 388 13.45 22.45 -19.58
CA HIS B 388 13.80 22.92 -20.92
C HIS B 388 12.59 22.88 -21.85
N ASP B 389 11.97 21.70 -21.94
CA ASP B 389 10.86 21.47 -22.84
C ASP B 389 9.70 22.42 -22.54
N ILE B 390 9.51 22.77 -21.27
CA ILE B 390 8.38 23.65 -20.95
C ILE B 390 8.73 25.07 -21.36
N LEU B 391 9.92 25.50 -20.95
CA LEU B 391 10.38 26.87 -21.15
C LEU B 391 10.60 27.16 -22.63
N LYS B 392 10.81 26.10 -23.44
CA LYS B 392 10.90 26.25 -24.89
C LYS B 392 9.52 26.54 -25.45
N ALA B 393 8.51 25.85 -24.91
CA ALA B 393 7.13 26.02 -25.33
C ALA B 393 6.54 27.29 -24.69
N ARG B 394 7.39 28.30 -24.47
CA ARG B 394 6.98 29.57 -23.88
C ARG B 394 7.67 30.73 -24.61
#